data_7K0Q
#
_entry.id   7K0Q
#
_cell.length_a   1.00
_cell.length_b   1.00
_cell.length_c   1.00
_cell.angle_alpha   90.00
_cell.angle_beta   90.00
_cell.angle_gamma   90.00
#
_symmetry.space_group_name_H-M   'P 1'
#
loop_
_entity.id
_entity.type
_entity.pdbx_description
1 polymer 'Serine palmitoyltransferase 1'
2 polymer 'Serine palmitoyltransferase 2'
3 polymer 'Serine palmitoyltransferase small subunit A'
4 polymer 'ORM1-like protein 3'
5 non-polymer "PYRIDOXAL-5'-PHOSPHATE"
6 non-polymer Myriocin
#
loop_
_entity_poly.entity_id
_entity_poly.type
_entity_poly.pdbx_seq_one_letter_code
_entity_poly.pdbx_strand_id
1 'polypeptide(L)'
;MATATEQWVLVEMVQALYEAPAYHLILEGILILWIIRLLFSKTYKLQERSDLTVKEKEELIEEWQPEPLVPPVPKDHPAL
NYNIVSGPPSHKTVVNGKECINFASFNFLGLLDNPRVKAAALASLKKYGVGTCGPRGFYGTFDVHLDLEDRLAKFMKTEE
AIIYSYGFATIASAIPAYSKRGDIVFVDRAACFAIQKGLQASRSDIKLFKHNDMADLERLLKEQEIEDQKNPRKARVTRR
FIVVEGLYMNTGTICPLPELVKLKYKYKARIFLEESLSFGVLGEHGRGVTEHYGINIDDIDLISANMENALASIGGFCCG
RSFVIDHQRLSGQGYCFSASLPPLLAAAAIEALNIMEENPGIFAVLKEKCGQIHKALQGISGLKVVGESLSPAFHLQLEE
STGSREQDVRLLQEIVDQCMNRSIALTQARYLEKEEKCLPPPSIRVVVTVEQTEEELERAASTIKEVAQAVLL
;
A
2 'polypeptide(L)'
;MRPEPGGCCCRRTVRANGCVANGEVRNGYVRSSAAAAAAAAAGQIHHVTQNGGLYKRPFNEAFEETPMLVAVLTYVGYGV
LTLFGYLRDFLRYWRIEKCHHATEREEQKDFVSLYQDFENFYTRNLYMRIRDNWNRPICSVPGARVDIMERQSHDYNWSF
KYTGNIIKGVINMGSYNYLGFARNTGSCQEAAAKVLEEYGAGVCSTRQEIGNLDKHEELEELVARFLGVEAAMAYGMGFA
TNSMNIPALVGKGCLILSDELNHASLVLGARLSGATIRIFKHNNMQSLEKLLKDAIVYGQPRTRRPWKKILILVEGIYSM
EGSIVRLPEVIALKKKYKAYLYLDEAHSIGALGPTGRGVVEYFGLDPEDVDVMMGTFTKSFGASGGYIGGKKELIDYLRT
HSHSAVYATSLSPPVVEQIITSMKCIMGQDGTSLGKECVQQLAENTRYFRRRLKEMGFIIYGNEDSPVVPLMLYMPAKIG
AFGREMLKRNIGVVVVGFPATPIIESRARFCLSAAHTKEILDTALKEIDEVGDLLQLKYSRHRLVPLLDRPFDETTYEET
ED
;
B
3 'polypeptide(L)' MAGMALARAWKQMSWFYYQYLLVTALYMLEPWERTVFNSMLVSIVGMALYTGYVFMPQHIMAILHYFEIVQ C
4 'polypeptide(L)'
;MNVGTAHSEVNPNTRVMNSRGIWLSYVLAIGLLHIVLLSIPFVSVPVVWTLTNLIHNMGMYIFLHTVKGTPFETPDQGKA
RLLTHWEQMDYGVQFTASRKFLTITPIVLYFLTSFYTKYDQIHFVLNTVSLMSVLIPKLPQLHGVRIFGINKY
;
D
#
# COMPACT_ATOMS: atom_id res chain seq x y z
N ASP A 51 -15.05 -38.34 17.10
CA ASP A 51 -13.96 -37.74 16.35
C ASP A 51 -12.77 -38.69 16.27
N LEU A 52 -11.69 -38.24 15.66
CA LEU A 52 -10.55 -39.11 15.40
C LEU A 52 -9.76 -39.38 16.67
N THR A 53 -9.24 -40.60 16.77
CA THR A 53 -8.32 -40.95 17.85
C THR A 53 -7.05 -40.13 17.70
N VAL A 54 -6.27 -40.07 18.79
CA VAL A 54 -4.99 -39.37 18.71
C VAL A 54 -4.03 -40.14 17.79
N LYS A 55 -4.03 -41.46 17.89
CA LYS A 55 -3.10 -42.27 17.08
C LYS A 55 -3.37 -42.07 15.60
N GLU A 56 -4.64 -42.00 15.21
CA GLU A 56 -4.95 -41.72 13.83
C GLU A 56 -4.44 -40.35 13.42
N LYS A 57 -4.48 -39.38 14.33
CA LYS A 57 -3.95 -38.07 14.01
C LYS A 57 -2.45 -38.13 13.77
N GLU A 58 -1.72 -38.88 14.60
CA GLU A 58 -0.29 -39.03 14.34
C GLU A 58 -0.04 -39.71 13.00
N GLU A 59 -0.80 -40.76 12.67
CA GLU A 59 -0.56 -41.43 11.40
C GLU A 59 -0.85 -40.51 10.22
N LEU A 60 -1.93 -39.75 10.27
CA LEU A 60 -2.25 -38.85 9.17
C LEU A 60 -1.21 -37.76 9.03
N ILE A 61 -0.70 -37.24 10.15
CA ILE A 61 0.33 -36.21 10.07
C ILE A 61 1.63 -36.80 9.55
N GLU A 62 1.89 -38.06 9.86
CA GLU A 62 3.15 -38.67 9.45
C GLU A 62 3.16 -39.02 7.97
N GLU A 63 2.01 -39.46 7.43
CA GLU A 63 2.00 -39.99 6.07
C GLU A 63 1.91 -38.89 5.01
N TRP A 64 1.65 -37.64 5.40
CA TRP A 64 1.47 -36.58 4.42
C TRP A 64 2.80 -36.18 3.80
N GLN A 65 2.82 -36.04 2.48
CA GLN A 65 4.01 -35.64 1.74
C GLN A 65 3.66 -34.52 0.77
N PRO A 66 4.25 -33.34 0.89
CA PRO A 66 3.83 -32.21 0.07
C PRO A 66 4.59 -32.15 -1.25
N GLU A 67 4.10 -31.32 -2.15
CA GLU A 67 4.75 -31.10 -3.44
C GLU A 67 5.99 -30.25 -3.25
N PRO A 68 6.93 -30.28 -4.20
CA PRO A 68 8.09 -29.41 -4.11
C PRO A 68 7.67 -27.95 -4.18
N LEU A 69 8.50 -27.08 -3.60
CA LEU A 69 8.16 -25.66 -3.55
C LEU A 69 8.03 -25.08 -4.94
N VAL A 70 8.94 -25.40 -5.83
CA VAL A 70 8.92 -24.96 -7.22
C VAL A 70 9.07 -26.17 -8.12
N PRO A 71 8.23 -26.34 -9.13
CA PRO A 71 8.34 -27.50 -10.00
C PRO A 71 9.60 -27.42 -10.84
N PRO A 72 10.14 -28.56 -11.26
CA PRO A 72 11.34 -28.54 -12.11
C PRO A 72 11.05 -27.90 -13.46
N VAL A 73 12.07 -27.30 -14.06
CA VAL A 73 11.94 -26.56 -15.31
C VAL A 73 12.73 -27.31 -16.38
N PRO A 74 12.18 -28.35 -17.01
CA PRO A 74 12.96 -29.13 -17.97
C PRO A 74 12.74 -28.69 -19.41
N LYS A 75 12.00 -27.62 -19.61
CA LYS A 75 11.51 -27.26 -20.93
C LYS A 75 12.54 -26.57 -21.80
N ASP A 76 13.79 -26.47 -21.35
CA ASP A 76 14.81 -25.67 -22.02
C ASP A 76 14.28 -24.26 -22.27
N HIS A 77 13.73 -23.67 -21.22
CA HIS A 77 12.96 -22.44 -21.35
C HIS A 77 13.86 -21.31 -21.86
N PRO A 78 13.54 -20.70 -23.00
CA PRO A 78 14.41 -19.65 -23.53
C PRO A 78 14.55 -18.47 -22.58
N ALA A 79 13.52 -18.16 -21.82
CA ALA A 79 13.59 -17.02 -20.92
C ALA A 79 14.63 -17.24 -19.83
N LEU A 80 15.09 -18.48 -19.65
CA LEU A 80 16.13 -18.74 -18.67
C LEU A 80 17.46 -18.18 -19.11
N ASN A 81 17.62 -17.90 -20.40
CA ASN A 81 18.87 -17.36 -20.93
C ASN A 81 18.69 -15.86 -21.17
N TYR A 82 19.06 -15.09 -20.15
CA TYR A 82 18.94 -13.64 -20.19
C TYR A 82 19.96 -13.04 -21.16
N ASN A 83 19.68 -11.82 -21.60
CA ASN A 83 20.64 -11.06 -22.39
C ASN A 83 21.49 -10.19 -21.49
N ILE A 84 22.81 -10.22 -21.71
CA ILE A 84 23.75 -9.47 -20.90
C ILE A 84 24.18 -8.25 -21.68
N VAL A 85 23.82 -7.07 -21.17
CA VAL A 85 24.13 -5.80 -21.81
C VAL A 85 25.33 -5.19 -21.12
N SER A 86 26.37 -4.87 -21.88
CA SER A 86 27.56 -4.24 -21.34
C SER A 86 27.49 -2.75 -21.59
N GLY A 87 27.54 -1.96 -20.53
CA GLY A 87 27.42 -0.53 -20.66
C GLY A 87 25.98 -0.08 -20.70
N PRO A 88 25.76 1.20 -20.96
CA PRO A 88 24.40 1.72 -20.95
C PRO A 88 23.58 1.11 -22.07
N PRO A 89 22.27 0.92 -21.85
CA PRO A 89 21.39 0.40 -22.90
C PRO A 89 20.90 1.51 -23.83
N SER A 90 21.85 2.16 -24.50
CA SER A 90 21.54 3.31 -25.32
C SER A 90 21.66 2.93 -26.79
N HIS A 91 21.45 3.92 -27.66
CA HIS A 91 21.69 3.72 -29.08
C HIS A 91 23.16 3.38 -29.29
N LYS A 92 23.42 2.44 -30.21
CA LYS A 92 24.75 1.87 -30.38
C LYS A 92 25.26 1.23 -29.09
N THR A 93 24.58 0.18 -28.64
CA THR A 93 24.95 -0.51 -27.43
C THR A 93 25.81 -1.73 -27.73
N VAL A 94 26.03 -2.55 -26.70
CA VAL A 94 26.70 -3.83 -26.82
C VAL A 94 25.87 -4.87 -26.09
N VAL A 95 25.51 -5.95 -26.79
CA VAL A 95 24.68 -7.02 -26.23
C VAL A 95 25.37 -8.35 -26.47
N ASN A 96 25.53 -9.13 -25.40
CA ASN A 96 26.13 -10.47 -25.47
C ASN A 96 27.56 -10.42 -26.02
N GLY A 97 28.22 -9.28 -25.87
CA GLY A 97 29.55 -9.13 -26.41
C GLY A 97 29.62 -8.70 -27.86
N LYS A 98 28.50 -8.26 -28.43
CA LYS A 98 28.46 -7.78 -29.81
C LYS A 98 27.88 -6.37 -29.82
N GLU A 99 28.49 -5.49 -30.60
CA GLU A 99 28.03 -4.10 -30.70
C GLU A 99 26.85 -4.04 -31.68
N CYS A 100 25.78 -3.34 -31.30
CA CYS A 100 24.54 -3.40 -32.04
C CYS A 100 23.82 -2.06 -32.00
N ILE A 101 23.02 -1.80 -33.03
CA ILE A 101 22.11 -0.66 -33.01
C ILE A 101 20.85 -1.03 -32.25
N ASN A 102 20.42 -0.18 -31.34
CA ASN A 102 19.39 -0.53 -30.37
C ASN A 102 18.01 -0.31 -30.97
N PHE A 103 17.28 -1.39 -31.20
CA PHE A 103 15.90 -1.34 -31.67
C PHE A 103 14.93 -2.02 -30.71
N ALA A 104 15.25 -2.06 -29.42
CA ALA A 104 14.45 -2.83 -28.48
C ALA A 104 14.06 -2.09 -27.21
N SER A 105 14.81 -1.08 -26.80
CA SER A 105 14.54 -0.42 -25.54
C SER A 105 13.52 0.70 -25.70
N PHE A 106 12.56 0.75 -24.80
CA PHE A 106 11.47 1.73 -24.85
C PHE A 106 12.03 3.08 -24.40
N ASN A 107 12.81 3.70 -25.28
CA ASN A 107 13.37 5.01 -25.03
C ASN A 107 13.06 5.88 -26.25
N PHE A 108 11.85 6.43 -26.29
CA PHE A 108 11.37 7.03 -27.53
C PHE A 108 12.08 8.33 -27.83
N LEU A 109 12.21 9.21 -26.85
CA LEU A 109 12.78 10.53 -27.07
C LEU A 109 14.28 10.55 -26.89
N GLY A 110 14.88 9.43 -26.49
CA GLY A 110 16.31 9.39 -26.28
C GLY A 110 16.79 10.33 -25.20
N LEU A 111 16.07 10.39 -24.09
CA LEU A 111 16.44 11.21 -22.96
C LEU A 111 17.26 10.45 -21.93
N LEU A 112 17.60 9.19 -22.20
CA LEU A 112 18.40 8.43 -21.26
C LEU A 112 19.80 8.99 -21.13
N ASP A 113 20.43 9.36 -22.24
CA ASP A 113 21.80 9.86 -22.24
C ASP A 113 21.89 11.32 -22.61
N ASN A 114 20.87 12.12 -22.34
CA ASN A 114 20.94 13.54 -22.66
C ASN A 114 21.73 14.23 -21.55
N PRO A 115 22.80 14.96 -21.87
CA PRO A 115 23.67 15.50 -20.80
C PRO A 115 22.96 16.38 -19.79
N ARG A 116 21.96 17.15 -20.19
CA ARG A 116 21.28 18.02 -19.22
C ARG A 116 20.56 17.21 -18.16
N VAL A 117 19.94 16.10 -18.56
CA VAL A 117 19.27 15.23 -17.60
C VAL A 117 20.28 14.67 -16.60
N LYS A 118 21.43 14.22 -17.11
CA LYS A 118 22.47 13.69 -16.22
C LYS A 118 22.98 14.74 -15.26
N ALA A 119 23.17 15.99 -15.74
CA ALA A 119 23.64 17.05 -14.86
C ALA A 119 22.62 17.37 -13.76
N ALA A 120 21.34 17.41 -14.13
CA ALA A 120 20.32 17.65 -13.11
C ALA A 120 20.31 16.52 -12.07
N ALA A 121 20.41 15.28 -12.53
CA ALA A 121 20.45 14.16 -11.59
C ALA A 121 21.68 14.23 -10.70
N LEU A 122 22.82 14.65 -11.25
CA LEU A 122 24.04 14.77 -10.44
C LEU A 122 23.88 15.84 -9.37
N ALA A 123 23.28 16.98 -9.71
CA ALA A 123 23.07 18.01 -8.70
C ALA A 123 22.14 17.52 -7.59
N SER A 124 21.07 16.83 -7.97
CA SER A 124 20.17 16.29 -6.96
C SER A 124 20.88 15.26 -6.08
N LEU A 125 21.75 14.45 -6.68
CA LEU A 125 22.52 13.48 -5.91
C LEU A 125 23.44 14.17 -4.92
N LYS A 126 24.13 15.22 -5.35
CA LYS A 126 25.02 15.93 -4.45
C LYS A 126 24.27 16.66 -3.36
N LYS A 127 23.00 16.98 -3.55
CA LYS A 127 22.26 17.68 -2.51
C LYS A 127 21.55 16.75 -1.53
N TYR A 128 20.88 15.70 -2.01
CA TYR A 128 20.00 14.91 -1.16
C TYR A 128 20.55 13.54 -0.79
N GLY A 129 21.38 12.93 -1.62
CA GLY A 129 21.76 11.55 -1.41
C GLY A 129 20.99 10.61 -2.32
N VAL A 130 21.07 9.32 -2.00
CA VAL A 130 20.43 8.34 -2.86
C VAL A 130 19.09 7.89 -2.29
N GLY A 131 19.02 7.59 -1.00
CA GLY A 131 17.86 6.96 -0.42
C GLY A 131 16.90 7.98 0.17
N THR A 132 15.62 7.61 0.20
CA THR A 132 14.61 8.50 0.75
C THR A 132 14.33 8.19 2.22
N CYS A 133 14.52 6.94 2.63
CA CYS A 133 14.45 6.50 4.02
C CYS A 133 13.08 6.68 4.67
N GLY A 134 11.99 6.48 3.93
CA GLY A 134 10.68 6.53 4.53
C GLY A 134 9.55 6.58 3.52
N PRO A 135 8.33 6.37 3.98
CA PRO A 135 7.17 6.51 3.09
C PRO A 135 6.86 7.97 2.83
N ARG A 136 5.91 8.21 1.94
CA ARG A 136 5.50 9.59 1.67
C ARG A 136 4.85 10.22 2.89
N GLY A 137 4.34 9.42 3.81
CA GLY A 137 3.68 9.99 4.98
C GLY A 137 4.64 10.35 6.09
N PHE A 138 5.72 9.58 6.25
CA PHE A 138 6.58 9.70 7.42
C PHE A 138 7.90 10.32 7.00
N TYR A 139 7.97 11.64 6.94
CA TYR A 139 9.19 12.37 6.63
C TYR A 139 9.86 11.91 5.33
N GLY A 140 9.10 11.30 4.43
CA GLY A 140 9.67 10.91 3.16
C GLY A 140 9.38 11.85 2.03
N THR A 141 8.48 12.81 2.22
CA THR A 141 8.20 13.78 1.19
C THR A 141 9.30 14.83 1.13
N PHE A 142 9.85 15.04 -0.05
CA PHE A 142 10.85 16.06 -0.26
C PHE A 142 10.20 17.22 -1.00
N ASP A 143 10.97 18.28 -1.23
CA ASP A 143 10.43 19.38 -2.02
C ASP A 143 10.48 19.04 -3.51
N VAL A 144 11.41 18.18 -3.92
CA VAL A 144 11.45 17.77 -5.32
C VAL A 144 10.21 16.97 -5.69
N HIS A 145 9.68 16.18 -4.75
CA HIS A 145 8.47 15.42 -5.05
C HIS A 145 7.30 16.35 -5.32
N LEU A 146 7.10 17.35 -4.46
CA LEU A 146 6.02 18.30 -4.68
C LEU A 146 6.22 19.07 -5.97
N ASP A 147 7.46 19.48 -6.24
CA ASP A 147 7.73 20.23 -7.46
C ASP A 147 7.42 19.37 -8.69
N LEU A 148 7.79 18.10 -8.66
CA LEU A 148 7.51 17.22 -9.79
C LEU A 148 6.02 17.01 -9.98
N GLU A 149 5.27 16.85 -8.89
CA GLU A 149 3.82 16.73 -9.02
C GLU A 149 3.23 17.98 -9.64
N ASP A 150 3.69 19.15 -9.20
CA ASP A 150 3.20 20.40 -9.77
C ASP A 150 3.53 20.50 -11.25
N ARG A 151 4.75 20.13 -11.64
CA ARG A 151 5.13 20.19 -13.03
C ARG A 151 4.27 19.28 -13.89
N LEU A 152 4.02 18.06 -13.42
CA LEU A 152 3.18 17.15 -14.19
C LEU A 152 1.77 17.69 -14.33
N ALA A 153 1.21 18.24 -13.24
CA ALA A 153 -0.13 18.79 -13.31
C ALA A 153 -0.21 19.95 -14.30
N LYS A 154 0.79 20.83 -14.30
CA LYS A 154 0.77 21.95 -15.23
C LYS A 154 1.04 21.51 -16.66
N PHE A 155 1.75 20.39 -16.84
CA PHE A 155 2.03 19.92 -18.18
C PHE A 155 0.79 19.27 -18.80
N MET A 156 0.03 18.52 -18.01
CA MET A 156 -1.16 17.87 -18.52
C MET A 156 -2.38 18.77 -18.50
N LYS A 157 -2.24 20.02 -18.06
CA LYS A 157 -3.36 20.96 -17.96
C LYS A 157 -4.45 20.38 -17.06
N THR A 158 -4.05 19.93 -15.89
CA THR A 158 -4.92 19.19 -14.99
C THR A 158 -4.74 19.74 -13.58
N GLU A 159 -5.70 19.47 -12.71
CA GLU A 159 -5.65 20.04 -11.37
C GLU A 159 -4.60 19.36 -10.50
N GLU A 160 -4.62 18.02 -10.42
CA GLU A 160 -3.73 17.37 -9.48
C GLU A 160 -3.16 16.07 -10.04
N ALA A 161 -1.92 15.79 -9.67
CA ALA A 161 -1.22 14.57 -10.07
C ALA A 161 -0.56 13.93 -8.86
N ILE A 162 -0.38 12.62 -8.92
CA ILE A 162 0.19 11.83 -7.84
C ILE A 162 1.29 10.94 -8.40
N ILE A 163 2.34 10.74 -7.60
CA ILE A 163 3.57 10.09 -8.03
C ILE A 163 3.69 8.74 -7.32
N TYR A 164 3.95 7.69 -8.08
CA TYR A 164 4.21 6.36 -7.55
C TYR A 164 5.64 5.96 -7.86
N SER A 165 6.22 5.11 -7.01
CA SER A 165 7.65 4.82 -7.11
C SER A 165 7.94 3.65 -8.03
N TYR A 166 6.92 3.05 -8.62
CA TYR A 166 7.09 1.87 -9.47
C TYR A 166 6.05 1.87 -10.58
N GLY A 167 6.49 1.52 -11.79
CA GLY A 167 5.61 1.66 -12.96
C GLY A 167 4.42 0.73 -12.92
N PHE A 168 4.60 -0.48 -12.41
CA PHE A 168 3.50 -1.42 -12.29
C PHE A 168 2.52 -0.99 -11.21
N ALA A 169 3.06 -0.60 -10.05
CA ALA A 169 2.23 -0.39 -8.88
C ALA A 169 1.25 0.75 -9.08
N THR A 170 1.59 1.73 -9.92
CA THR A 170 0.72 2.89 -10.05
C THR A 170 -0.67 2.49 -10.53
N ILE A 171 -0.75 1.76 -11.63
CA ILE A 171 -2.07 1.38 -12.13
C ILE A 171 -2.61 0.20 -11.34
N ALA A 172 -1.74 -0.72 -10.91
CA ALA A 172 -2.23 -1.88 -10.17
C ALA A 172 -2.78 -1.48 -8.81
N SER A 173 -2.52 -0.24 -8.37
CA SER A 173 -3.08 0.21 -7.10
C SER A 173 -4.10 1.32 -7.32
N ALA A 174 -4.08 1.96 -8.49
CA ALA A 174 -5.13 2.91 -8.81
C ALA A 174 -6.45 2.21 -9.09
N ILE A 175 -6.41 1.09 -9.81
CA ILE A 175 -7.66 0.40 -10.16
C ILE A 175 -8.45 -0.05 -8.93
N PRO A 176 -7.87 -0.75 -7.95
CA PRO A 176 -8.70 -1.23 -6.84
C PRO A 176 -9.04 -0.16 -5.83
N ALA A 177 -8.47 1.03 -5.94
CA ALA A 177 -8.81 2.08 -4.97
C ALA A 177 -10.25 2.54 -5.14
N TYR A 178 -10.71 2.70 -6.38
CA TYR A 178 -12.03 3.24 -6.65
C TYR A 178 -13.09 2.18 -6.87
N SER A 179 -12.70 0.96 -7.21
CA SER A 179 -13.65 -0.11 -7.52
C SER A 179 -13.67 -1.11 -6.38
N LYS A 180 -14.86 -1.46 -5.92
CA LYS A 180 -15.03 -2.39 -4.82
C LYS A 180 -15.84 -3.60 -5.30
N ARG A 181 -16.15 -4.50 -4.38
CA ARG A 181 -16.96 -5.65 -4.74
C ARG A 181 -18.36 -5.22 -5.14
N GLY A 182 -18.89 -5.87 -6.17
CA GLY A 182 -20.22 -5.57 -6.68
C GLY A 182 -20.26 -4.59 -7.83
N ASP A 183 -19.20 -3.82 -8.02
CA ASP A 183 -19.17 -2.89 -9.14
C ASP A 183 -18.88 -3.66 -10.43
N ILE A 184 -19.15 -3.01 -11.56
CA ILE A 184 -18.96 -3.60 -12.87
C ILE A 184 -17.89 -2.82 -13.62
N VAL A 185 -16.96 -3.53 -14.25
CA VAL A 185 -15.90 -2.93 -15.02
C VAL A 185 -15.92 -3.54 -16.42
N PHE A 186 -15.97 -2.69 -17.43
CA PHE A 186 -15.87 -3.11 -18.82
C PHE A 186 -14.48 -2.79 -19.32
N VAL A 187 -13.65 -3.82 -19.49
CA VAL A 187 -12.24 -3.65 -19.82
C VAL A 187 -12.00 -4.23 -21.20
N ASP A 188 -11.11 -3.59 -21.95
CA ASP A 188 -10.75 -4.10 -23.27
C ASP A 188 -10.07 -5.45 -23.16
N ARG A 189 -10.20 -6.26 -24.20
CA ARG A 189 -9.66 -7.61 -24.15
C ARG A 189 -8.14 -7.60 -24.07
N ALA A 190 -7.48 -6.71 -24.80
CA ALA A 190 -6.03 -6.72 -24.93
C ALA A 190 -5.35 -5.75 -23.97
N ALA A 191 -5.89 -5.55 -22.77
CA ALA A 191 -5.23 -4.70 -21.80
C ALA A 191 -3.96 -5.38 -21.28
N CYS A 192 -2.97 -4.55 -20.94
CA CYS A 192 -1.70 -5.07 -20.48
C CYS A 192 -1.85 -5.78 -19.14
N PHE A 193 -0.77 -6.45 -18.72
CA PHE A 193 -0.84 -7.30 -17.54
C PHE A 193 -1.12 -6.50 -16.28
N ALA A 194 -0.60 -5.28 -16.20
CA ALA A 194 -0.79 -4.48 -15.00
C ALA A 194 -2.27 -4.21 -14.77
N ILE A 195 -3.01 -3.89 -15.82
CA ILE A 195 -4.45 -3.65 -15.70
C ILE A 195 -5.14 -4.93 -15.23
N GLN A 196 -4.71 -6.08 -15.75
CA GLN A 196 -5.35 -7.33 -15.35
C GLN A 196 -5.13 -7.62 -13.88
N LYS A 197 -3.91 -7.41 -13.37
CA LYS A 197 -3.68 -7.63 -11.95
C LYS A 197 -4.44 -6.63 -11.10
N GLY A 198 -4.52 -5.38 -11.56
CA GLY A 198 -5.30 -4.40 -10.83
C GLY A 198 -6.77 -4.80 -10.75
N LEU A 199 -7.33 -5.27 -11.86
CA LEU A 199 -8.71 -5.71 -11.86
C LEU A 199 -8.92 -6.92 -10.97
N GLN A 200 -7.96 -7.85 -10.95
CA GLN A 200 -8.08 -9.01 -10.08
C GLN A 200 -7.98 -8.61 -8.62
N ALA A 201 -7.24 -7.54 -8.31
CA ALA A 201 -7.11 -7.09 -6.93
C ALA A 201 -8.45 -6.63 -6.37
N SER A 202 -9.25 -5.94 -7.18
CA SER A 202 -10.57 -5.50 -6.77
C SER A 202 -11.58 -6.56 -7.19
N ARG A 203 -12.33 -7.09 -6.23
CA ARG A 203 -13.13 -8.28 -6.47
C ARG A 203 -14.37 -7.99 -7.31
N SER A 204 -14.41 -6.83 -7.96
CA SER A 204 -15.55 -6.44 -8.77
C SER A 204 -15.76 -7.41 -9.92
N ASP A 205 -16.87 -7.21 -10.64
CA ASP A 205 -17.16 -8.03 -11.82
C ASP A 205 -16.46 -7.46 -13.04
N ILE A 206 -15.87 -8.34 -13.85
CA ILE A 206 -15.12 -7.94 -15.03
C ILE A 206 -15.83 -8.52 -16.25
N LYS A 207 -16.05 -7.68 -17.26
CA LYS A 207 -16.68 -8.10 -18.51
C LYS A 207 -15.82 -7.64 -19.67
N LEU A 208 -15.02 -8.55 -20.21
CA LEU A 208 -14.17 -8.24 -21.35
C LEU A 208 -15.00 -7.98 -22.59
N PHE A 209 -14.47 -7.16 -23.49
CA PHE A 209 -15.11 -6.94 -24.78
C PHE A 209 -14.06 -6.94 -25.89
N LYS A 210 -14.52 -7.22 -27.10
CA LYS A 210 -13.61 -7.47 -28.21
C LYS A 210 -12.81 -6.20 -28.53
N HIS A 211 -11.61 -6.42 -29.05
CA HIS A 211 -10.63 -5.35 -29.16
C HIS A 211 -11.10 -4.26 -30.11
N ASN A 212 -11.22 -3.03 -29.59
CA ASN A 212 -11.61 -1.85 -30.35
C ASN A 212 -12.92 -2.05 -31.10
N ASP A 213 -13.81 -2.85 -30.54
CA ASP A 213 -15.14 -3.07 -31.12
C ASP A 213 -16.12 -2.27 -30.26
N MET A 214 -16.54 -1.10 -30.77
CA MET A 214 -17.41 -0.25 -29.98
C MET A 214 -18.84 -0.78 -29.96
N ALA A 215 -19.27 -1.41 -31.05
CA ALA A 215 -20.60 -2.01 -31.05
C ALA A 215 -20.71 -3.10 -29.99
N ASP A 216 -19.59 -3.78 -29.70
CA ASP A 216 -19.62 -4.83 -28.70
C ASP A 216 -19.75 -4.26 -27.30
N LEU A 217 -19.03 -3.17 -27.02
CA LEU A 217 -19.21 -2.50 -25.73
C LEU A 217 -20.61 -1.94 -25.59
N GLU A 218 -21.15 -1.41 -26.69
CA GLU A 218 -22.53 -0.91 -26.65
C GLU A 218 -23.51 -2.03 -26.33
N ARG A 219 -23.30 -3.20 -26.92
CA ARG A 219 -24.17 -4.34 -26.62
C ARG A 219 -24.06 -4.76 -25.16
N LEU A 220 -22.84 -4.81 -24.64
CA LEU A 220 -22.67 -5.16 -23.22
C LEU A 220 -23.36 -4.16 -22.33
N LEU A 221 -23.25 -2.87 -22.65
CA LEU A 221 -23.87 -1.84 -21.85
C LEU A 221 -25.39 -1.91 -21.91
N LYS A 222 -25.94 -2.24 -23.07
CA LYS A 222 -27.39 -2.41 -23.16
C LYS A 222 -27.87 -3.57 -22.31
N GLU A 223 -27.12 -4.67 -22.32
CA GLU A 223 -27.50 -5.80 -21.46
C GLU A 223 -27.44 -5.41 -19.99
N GLN A 224 -26.41 -4.65 -19.60
CA GLN A 224 -26.37 -4.16 -18.23
C GLN A 224 -27.54 -3.23 -17.92
N GLU A 225 -27.99 -2.45 -18.89
CA GLU A 225 -29.16 -1.61 -18.68
C GLU A 225 -30.40 -2.45 -18.42
N ILE A 226 -30.55 -3.57 -19.13
CA ILE A 226 -31.66 -4.48 -18.85
C ILE A 226 -31.55 -5.03 -17.43
N GLU A 227 -30.36 -5.48 -17.05
CA GLU A 227 -30.17 -6.04 -15.72
C GLU A 227 -30.43 -5.00 -14.64
N ASP A 228 -30.23 -3.73 -14.95
CA ASP A 228 -30.63 -2.67 -14.01
C ASP A 228 -32.13 -2.47 -14.01
N GLN A 229 -32.78 -2.59 -15.17
CA GLN A 229 -34.22 -2.46 -15.22
C GLN A 229 -34.89 -3.49 -14.32
N LYS A 230 -34.34 -4.70 -14.24
CA LYS A 230 -34.96 -5.72 -13.41
C LYS A 230 -34.94 -5.36 -11.93
N ASN A 231 -33.83 -4.84 -11.43
CA ASN A 231 -33.64 -4.58 -10.01
C ASN A 231 -33.14 -3.17 -9.76
N PRO A 232 -34.01 -2.17 -9.64
CA PRO A 232 -33.54 -0.79 -9.47
C PRO A 232 -32.73 -0.57 -8.20
N ARG A 233 -33.09 -1.24 -7.11
CA ARG A 233 -32.43 -1.00 -5.83
C ARG A 233 -30.92 -1.22 -5.94
N LYS A 234 -30.51 -2.34 -6.55
CA LYS A 234 -29.10 -2.58 -6.74
C LYS A 234 -28.49 -1.59 -7.73
N ALA A 235 -29.24 -1.19 -8.75
CA ALA A 235 -28.72 -0.28 -9.75
C ALA A 235 -28.43 1.09 -9.16
N ARG A 236 -29.05 1.42 -8.02
CA ARG A 236 -28.78 2.71 -7.39
C ARG A 236 -27.39 2.72 -6.75
N VAL A 237 -26.80 1.55 -6.53
CA VAL A 237 -25.56 1.44 -5.76
C VAL A 237 -24.39 0.97 -6.63
N THR A 238 -24.67 0.40 -7.79
CA THR A 238 -23.64 -0.19 -8.64
C THR A 238 -22.97 0.88 -9.47
N ARG A 239 -21.63 0.90 -9.42
CA ARG A 239 -20.83 1.85 -10.18
C ARG A 239 -20.27 1.20 -11.43
N ARG A 240 -20.27 1.94 -12.54
CA ARG A 240 -19.84 1.41 -13.83
C ARG A 240 -18.56 2.10 -14.27
N PHE A 241 -17.57 1.30 -14.67
CA PHE A 241 -16.30 1.81 -15.15
C PHE A 241 -16.00 1.26 -16.54
N ILE A 242 -15.22 2.01 -17.31
CA ILE A 242 -14.71 1.59 -18.60
C ILE A 242 -13.21 1.84 -18.59
N VAL A 243 -12.42 0.78 -18.68
CA VAL A 243 -10.97 0.88 -18.58
C VAL A 243 -10.39 0.64 -19.96
N VAL A 244 -9.61 1.60 -20.46
CA VAL A 244 -8.98 1.45 -21.77
C VAL A 244 -7.56 1.97 -21.74
N GLU A 245 -6.79 1.58 -22.74
CA GLU A 245 -5.40 2.00 -22.89
C GLU A 245 -5.29 2.96 -24.06
N GLY A 246 -4.49 4.01 -23.89
CA GLY A 246 -4.32 4.97 -24.95
C GLY A 246 -3.64 4.38 -26.17
N LEU A 247 -2.56 3.63 -25.95
CA LEU A 247 -1.84 2.96 -27.03
C LEU A 247 -1.46 1.58 -26.52
N TYR A 248 -2.08 0.55 -27.08
CA TYR A 248 -1.95 -0.80 -26.52
C TYR A 248 -0.55 -1.32 -26.74
N MET A 249 0.02 -1.91 -25.69
CA MET A 249 1.36 -2.47 -25.79
C MET A 249 1.34 -3.78 -26.58
N ASN A 250 0.34 -4.61 -26.34
CA ASN A 250 0.33 -5.94 -26.94
C ASN A 250 0.11 -5.89 -28.45
N THR A 251 -0.75 -4.98 -28.91
CA THR A 251 -1.10 -4.94 -30.33
C THR A 251 -0.67 -3.67 -31.04
N GLY A 252 -0.32 -2.61 -30.32
CA GLY A 252 0.11 -1.39 -30.97
C GLY A 252 -0.96 -0.69 -31.79
N THR A 253 -2.18 -0.62 -31.29
CA THR A 253 -3.26 0.14 -31.91
C THR A 253 -3.80 1.16 -30.94
N ILE A 254 -4.65 2.05 -31.44
CA ILE A 254 -5.09 3.22 -30.70
C ILE A 254 -6.61 3.18 -30.54
N CYS A 255 -7.09 3.51 -29.34
CA CYS A 255 -8.49 3.37 -29.02
C CYS A 255 -9.31 4.52 -29.56
N PRO A 256 -10.58 4.29 -29.91
CA PRO A 256 -11.47 5.34 -30.47
C PRO A 256 -12.11 6.20 -29.40
N LEU A 257 -11.39 7.23 -28.97
CA LEU A 257 -11.80 8.05 -27.84
C LEU A 257 -13.13 8.79 -28.00
N PRO A 258 -13.44 9.40 -29.16
CA PRO A 258 -14.72 10.13 -29.24
C PRO A 258 -15.93 9.25 -29.01
N GLU A 259 -15.95 8.06 -29.61
CA GLU A 259 -17.06 7.15 -29.40
C GLU A 259 -17.12 6.70 -27.95
N LEU A 260 -15.97 6.52 -27.32
CA LEU A 260 -15.95 6.20 -25.89
C LEU A 260 -16.57 7.31 -25.07
N VAL A 261 -16.28 8.57 -25.41
CA VAL A 261 -16.84 9.68 -24.63
C VAL A 261 -18.35 9.74 -24.82
N LYS A 262 -18.83 9.57 -26.05
CA LYS A 262 -20.27 9.55 -26.27
C LYS A 262 -20.94 8.42 -25.49
N LEU A 263 -20.34 7.23 -25.49
CA LEU A 263 -20.92 6.12 -24.75
C LEU A 263 -20.91 6.38 -23.25
N LYS A 264 -19.83 7.01 -22.75
CA LYS A 264 -19.79 7.35 -21.34
C LYS A 264 -20.92 8.29 -20.96
N TYR A 265 -21.16 9.31 -21.78
CA TYR A 265 -22.18 10.28 -21.41
C TYR A 265 -23.58 9.75 -21.67
N LYS A 266 -23.71 8.68 -22.46
CA LYS A 266 -25.04 8.10 -22.66
C LYS A 266 -25.38 7.10 -21.57
N TYR A 267 -24.50 6.14 -21.31
CA TYR A 267 -24.80 5.05 -20.38
C TYR A 267 -24.20 5.26 -19.00
N LYS A 268 -23.59 6.41 -18.74
CA LYS A 268 -23.15 6.80 -17.40
C LYS A 268 -22.14 5.82 -16.81
N ALA A 269 -20.95 5.77 -17.43
CA ALA A 269 -19.87 4.93 -16.95
C ALA A 269 -18.56 5.71 -16.98
N ARG A 270 -17.84 5.72 -15.85
CA ARG A 270 -16.63 6.53 -15.73
C ARG A 270 -15.46 5.91 -16.46
N ILE A 271 -14.64 6.75 -17.09
CA ILE A 271 -13.57 6.29 -17.98
C ILE A 271 -12.23 6.36 -17.24
N PHE A 272 -11.46 5.28 -17.30
CA PHE A 272 -10.07 5.26 -16.87
C PHE A 272 -9.19 5.05 -18.09
N LEU A 273 -8.14 5.86 -18.22
CA LEU A 273 -7.26 5.81 -19.38
C LEU A 273 -5.85 5.48 -18.92
N GLU A 274 -5.22 4.54 -19.59
CA GLU A 274 -3.82 4.21 -19.33
C GLU A 274 -3.00 4.54 -20.57
N GLU A 275 -2.07 5.48 -20.43
CA GLU A 275 -1.26 5.98 -21.54
C GLU A 275 0.22 5.72 -21.32
N SER A 276 0.56 4.48 -20.96
CA SER A 276 1.96 4.16 -20.73
C SER A 276 2.82 4.45 -21.95
N LEU A 277 2.32 4.11 -23.14
CA LEU A 277 3.10 4.29 -24.36
C LEU A 277 2.83 5.61 -25.07
N SER A 278 1.66 6.20 -24.86
CA SER A 278 1.30 7.40 -25.60
C SER A 278 1.48 8.69 -24.82
N PHE A 279 2.12 8.63 -23.64
CA PHE A 279 2.23 9.84 -22.83
C PHE A 279 3.12 10.87 -23.49
N GLY A 280 4.25 10.45 -24.05
CA GLY A 280 5.20 11.39 -24.58
C GLY A 280 5.44 11.27 -26.07
N VAL A 281 4.53 10.61 -26.79
CA VAL A 281 4.72 10.40 -28.22
C VAL A 281 3.57 10.90 -29.07
N LEU A 282 2.35 10.98 -28.57
CA LEU A 282 1.20 11.33 -29.38
C LEU A 282 0.79 12.78 -29.14
N GLY A 283 0.27 13.41 -30.18
CA GLY A 283 -0.16 14.78 -30.09
C GLY A 283 0.92 15.75 -30.53
N GLU A 284 0.48 16.96 -30.89
CA GLU A 284 1.42 17.98 -31.32
C GLU A 284 2.30 18.45 -30.16
N HIS A 285 1.70 18.66 -28.99
CA HIS A 285 2.46 19.02 -27.80
C HIS A 285 2.83 17.81 -26.96
N GLY A 286 2.55 16.61 -27.43
CA GLY A 286 2.94 15.41 -26.70
C GLY A 286 2.21 15.21 -25.39
N ARG A 287 0.94 15.56 -25.35
CA ARG A 287 0.16 15.48 -24.13
C ARG A 287 -0.63 14.19 -23.99
N GLY A 288 -0.49 13.27 -24.93
CA GLY A 288 -1.19 12.00 -24.86
C GLY A 288 -2.10 11.81 -26.06
N VAL A 289 -3.12 10.95 -25.85
CA VAL A 289 -4.08 10.68 -26.90
C VAL A 289 -5.21 11.70 -26.87
N THR A 290 -5.49 12.28 -25.69
CA THR A 290 -6.51 13.31 -25.61
C THR A 290 -6.13 14.52 -26.46
N GLU A 291 -4.84 14.86 -26.48
CA GLU A 291 -4.38 15.94 -27.33
C GLU A 291 -4.43 15.55 -28.80
N HIS A 292 -4.26 14.27 -29.10
CA HIS A 292 -4.27 13.82 -30.49
C HIS A 292 -5.67 13.87 -31.07
N TYR A 293 -6.66 13.38 -30.34
CA TYR A 293 -8.02 13.34 -30.85
C TYR A 293 -8.75 14.66 -30.74
N GLY A 294 -8.32 15.55 -29.84
CA GLY A 294 -9.04 16.78 -29.59
C GLY A 294 -10.04 16.71 -28.47
N ILE A 295 -10.04 15.64 -27.69
CA ILE A 295 -10.97 15.51 -26.57
C ILE A 295 -10.50 16.39 -25.42
N ASN A 296 -11.45 17.09 -24.80
CA ASN A 296 -11.11 17.90 -23.64
C ASN A 296 -10.66 17.00 -22.49
N ILE A 297 -9.70 17.49 -21.71
CA ILE A 297 -9.08 16.64 -20.70
C ILE A 297 -10.03 16.35 -19.56
N ASP A 298 -11.10 17.12 -19.43
CA ASP A 298 -12.02 16.94 -18.30
C ASP A 298 -12.90 15.72 -18.48
N ASP A 299 -13.17 15.34 -19.74
CA ASP A 299 -14.06 14.21 -19.99
C ASP A 299 -13.50 12.88 -19.52
N ILE A 300 -12.21 12.81 -19.20
CA ILE A 300 -11.56 11.59 -18.76
C ILE A 300 -11.28 11.72 -17.27
N ASP A 301 -11.71 10.72 -16.50
CA ASP A 301 -11.70 10.85 -15.04
C ASP A 301 -10.31 10.65 -14.48
N LEU A 302 -9.53 9.75 -15.06
CA LEU A 302 -8.21 9.44 -14.52
C LEU A 302 -7.28 9.05 -15.66
N ILE A 303 -6.08 9.61 -15.68
CA ILE A 303 -5.07 9.29 -16.67
C ILE A 303 -3.84 8.77 -15.95
N SER A 304 -3.45 7.53 -16.24
CA SER A 304 -2.31 6.92 -15.59
C SER A 304 -1.22 6.64 -16.60
N ALA A 305 0.02 6.91 -16.25
CA ALA A 305 1.14 6.67 -17.16
C ALA A 305 2.42 6.47 -16.37
N ASN A 306 3.27 5.58 -16.82
CA ASN A 306 4.56 5.39 -16.18
C ASN A 306 5.62 6.20 -16.88
N MET A 307 6.53 6.79 -16.10
CA MET A 307 7.58 7.63 -16.63
C MET A 307 8.81 6.84 -17.05
N GLU A 308 8.74 5.52 -17.05
CA GLU A 308 9.90 4.72 -17.42
C GLU A 308 10.19 4.81 -18.91
N ASN A 309 9.13 4.84 -19.74
CA ASN A 309 9.31 4.74 -21.19
C ASN A 309 9.82 6.04 -21.80
N ALA A 310 9.03 7.10 -21.74
CA ALA A 310 9.41 8.33 -22.41
C ALA A 310 10.39 9.13 -21.58
N LEU A 311 10.05 9.37 -20.32
CA LEU A 311 10.87 10.24 -19.47
C LEU A 311 12.19 9.58 -19.10
N ALA A 312 12.31 8.27 -19.27
CA ALA A 312 13.51 7.52 -18.93
C ALA A 312 13.91 7.71 -17.47
N SER A 313 12.96 7.52 -16.55
CA SER A 313 13.27 7.46 -15.13
C SER A 313 12.22 6.59 -14.47
N ILE A 314 12.59 6.01 -13.33
CA ILE A 314 11.72 5.05 -12.66
C ILE A 314 10.52 5.76 -12.05
N GLY A 315 9.37 5.10 -12.10
CA GLY A 315 8.18 5.57 -11.43
C GLY A 315 7.01 5.77 -12.37
N GLY A 316 5.84 5.99 -11.78
CA GLY A 316 4.64 6.26 -12.54
C GLY A 316 3.89 7.42 -11.93
N PHE A 317 2.78 7.79 -12.56
CA PHE A 317 1.95 8.87 -12.03
C PHE A 317 0.53 8.74 -12.53
N CYS A 318 -0.37 9.39 -11.81
CA CYS A 318 -1.78 9.46 -12.16
C CYS A 318 -2.27 10.90 -12.03
N CYS A 319 -2.92 11.41 -13.06
CA CYS A 319 -3.36 12.80 -13.06
C CYS A 319 -4.86 12.88 -13.30
N GLY A 320 -5.48 13.89 -12.70
CA GLY A 320 -6.90 14.06 -12.79
C GLY A 320 -7.35 15.21 -11.94
N ARG A 321 -8.68 15.38 -11.87
CA ARG A 321 -9.26 16.39 -11.02
C ARG A 321 -8.96 16.05 -9.56
N SER A 322 -9.02 17.07 -8.70
CA SER A 322 -8.61 16.88 -7.32
C SER A 322 -9.53 15.90 -6.60
N PHE A 323 -10.81 15.88 -6.98
CA PHE A 323 -11.79 15.02 -6.31
C PHE A 323 -11.36 13.57 -6.35
N VAL A 324 -10.89 13.10 -7.52
CA VAL A 324 -10.57 11.69 -7.66
C VAL A 324 -9.16 11.40 -7.16
N ILE A 325 -8.25 12.37 -7.32
CA ILE A 325 -6.85 12.11 -6.99
C ILE A 325 -6.63 12.10 -5.48
N ASP A 326 -7.31 12.98 -4.74
CA ASP A 326 -7.01 13.10 -3.31
C ASP A 326 -7.25 11.79 -2.57
N HIS A 327 -8.06 10.90 -3.14
CA HIS A 327 -8.41 9.68 -2.43
C HIS A 327 -7.27 8.66 -2.43
N GLN A 328 -6.42 8.67 -3.46
CA GLN A 328 -5.38 7.66 -3.55
C GLN A 328 -4.33 7.85 -2.46
N ARG A 329 -4.16 9.08 -1.97
CA ARG A 329 -3.14 9.34 -0.97
C ARG A 329 -3.42 8.56 0.31
N LEU A 330 -4.65 8.07 0.48
CA LEU A 330 -4.97 7.28 1.64
C LEU A 330 -5.35 5.86 1.27
N SER A 331 -5.96 5.66 0.10
CA SER A 331 -6.45 4.34 -0.29
C SER A 331 -5.58 3.67 -1.34
N GLY A 332 -4.44 4.26 -1.69
CA GLY A 332 -3.55 3.64 -2.66
C GLY A 332 -2.49 2.81 -1.97
N GLN A 333 -2.57 1.49 -2.11
CA GLN A 333 -1.67 0.62 -1.36
C GLN A 333 -0.23 0.78 -1.83
N GLY A 334 -0.02 1.10 -3.10
CA GLY A 334 1.34 1.31 -3.58
C GLY A 334 1.93 2.62 -3.09
N TYR A 335 1.08 3.51 -2.61
CA TYR A 335 1.53 4.84 -2.20
C TYR A 335 1.77 4.90 -0.70
N CYS A 336 0.82 4.40 0.09
CA CYS A 336 0.92 4.54 1.54
C CYS A 336 2.03 3.67 2.11
N PHE A 337 2.12 2.42 1.66
CA PHE A 337 2.96 1.41 2.28
C PHE A 337 4.24 1.14 1.49
N SER A 338 4.84 2.17 0.92
CA SER A 338 6.08 1.98 0.18
C SER A 338 6.93 3.23 0.27
N ALA A 339 8.24 3.04 0.15
CA ALA A 339 9.16 4.17 0.21
C ALA A 339 8.96 5.07 -0.99
N SER A 340 9.25 6.35 -0.80
CA SER A 340 9.06 7.32 -1.87
C SER A 340 10.14 7.17 -2.93
N LEU A 341 9.90 7.80 -4.08
CA LEU A 341 10.86 7.77 -5.16
C LEU A 341 12.12 8.54 -4.75
N PRO A 342 13.30 8.01 -5.00
CA PRO A 342 14.53 8.72 -4.65
C PRO A 342 14.60 10.06 -5.36
N PRO A 343 15.15 11.09 -4.70
CA PRO A 343 15.14 12.43 -5.31
C PRO A 343 15.90 12.51 -6.61
N LEU A 344 16.90 11.64 -6.80
CA LEU A 344 17.67 11.63 -8.04
C LEU A 344 16.76 11.43 -9.24
N LEU A 345 15.92 10.39 -9.19
CA LEU A 345 15.06 10.10 -10.33
C LEU A 345 14.00 11.19 -10.51
N ALA A 346 13.56 11.80 -9.41
CA ALA A 346 12.60 12.90 -9.53
C ALA A 346 13.22 14.08 -10.26
N ALA A 347 14.46 14.43 -9.95
CA ALA A 347 15.10 15.53 -10.66
C ALA A 347 15.31 15.18 -12.13
N ALA A 348 15.67 13.92 -12.40
CA ALA A 348 15.79 13.51 -13.80
C ALA A 348 14.48 13.70 -14.54
N ALA A 349 13.36 13.33 -13.92
CA ALA A 349 12.06 13.49 -14.57
C ALA A 349 11.74 14.97 -14.77
N ILE A 350 12.05 15.81 -13.80
CA ILE A 350 11.76 17.24 -13.94
C ILE A 350 12.53 17.83 -15.11
N GLU A 351 13.81 17.50 -15.23
CA GLU A 351 14.58 18.04 -16.34
C GLU A 351 14.09 17.48 -17.67
N ALA A 352 13.64 16.23 -17.68
CA ALA A 352 13.05 15.68 -18.89
C ALA A 352 11.81 16.47 -19.29
N LEU A 353 10.97 16.84 -18.32
CA LEU A 353 9.80 17.64 -18.64
C LEU A 353 10.19 19.01 -19.19
N ASN A 354 11.23 19.62 -18.63
CA ASN A 354 11.67 20.92 -19.16
C ASN A 354 12.12 20.79 -20.60
N ILE A 355 12.88 19.73 -20.91
CA ILE A 355 13.34 19.54 -22.29
C ILE A 355 12.16 19.27 -23.22
N MET A 356 11.18 18.51 -22.75
CA MET A 356 10.01 18.21 -23.57
C MET A 356 9.21 19.47 -23.86
N GLU A 357 9.05 20.34 -22.86
CA GLU A 357 8.26 21.55 -23.07
C GLU A 357 9.00 22.56 -23.94
N GLU A 358 10.32 22.65 -23.82
CA GLU A 358 11.05 23.66 -24.59
C GLU A 358 10.97 23.37 -26.09
N ASN A 359 11.28 22.13 -26.49
CA ASN A 359 11.38 21.77 -27.89
C ASN A 359 10.29 20.78 -28.26
N PRO A 360 9.21 21.20 -28.91
CA PRO A 360 8.15 20.26 -29.31
C PRO A 360 8.27 19.72 -30.72
N GLY A 361 9.40 19.93 -31.40
CA GLY A 361 9.57 19.35 -32.72
C GLY A 361 10.00 17.90 -32.68
N ILE A 362 10.42 17.43 -31.50
CA ILE A 362 10.85 16.04 -31.38
C ILE A 362 9.69 15.09 -31.64
N PHE A 363 8.46 15.50 -31.28
CA PHE A 363 7.31 14.67 -31.59
C PHE A 363 7.10 14.57 -33.09
N ALA A 364 7.31 15.66 -33.82
CA ALA A 364 7.17 15.62 -35.27
C ALA A 364 8.21 14.70 -35.90
N VAL A 365 9.46 14.79 -35.46
CA VAL A 365 10.47 13.91 -36.07
C VAL A 365 10.23 12.46 -35.69
N LEU A 366 9.76 12.20 -34.47
CA LEU A 366 9.39 10.84 -34.10
C LEU A 366 8.26 10.32 -34.97
N LYS A 367 7.27 11.15 -35.25
CA LYS A 367 6.17 10.73 -36.11
C LYS A 367 6.65 10.38 -37.51
N GLU A 368 7.53 11.21 -38.08
CA GLU A 368 7.98 10.92 -39.44
C GLU A 368 8.82 9.65 -39.47
N LYS A 369 9.61 9.40 -38.43
CA LYS A 369 10.40 8.17 -38.41
C LYS A 369 9.52 6.93 -38.26
N CYS A 370 8.51 7.00 -37.39
CA CYS A 370 7.59 5.87 -37.24
C CYS A 370 6.89 5.57 -38.56
N GLY A 371 6.40 6.59 -39.24
CA GLY A 371 5.78 6.37 -40.54
C GLY A 371 6.73 5.73 -41.53
N GLN A 372 7.98 6.20 -41.57
CA GLN A 372 8.93 5.66 -42.54
C GLN A 372 9.21 4.19 -42.31
N ILE A 373 9.47 3.80 -41.06
CA ILE A 373 9.78 2.39 -40.81
C ILE A 373 8.56 1.52 -41.03
N HIS A 374 7.38 1.99 -40.66
CA HIS A 374 6.17 1.19 -40.90
C HIS A 374 5.97 0.97 -42.39
N LYS A 375 6.25 1.97 -43.20
CA LYS A 375 6.06 1.82 -44.65
C LYS A 375 7.17 0.99 -45.28
N ALA A 376 8.35 0.95 -44.65
CA ALA A 376 9.45 0.17 -45.21
C ALA A 376 9.30 -1.31 -44.89
N LEU A 377 8.78 -1.64 -43.70
CA LEU A 377 8.71 -3.03 -43.28
C LEU A 377 7.62 -3.80 -44.03
N GLN A 378 6.66 -3.09 -44.62
CA GLN A 378 5.62 -3.77 -45.40
C GLN A 378 6.22 -4.46 -46.60
N GLY A 379 5.82 -5.72 -46.81
CA GLY A 379 6.26 -6.48 -47.96
C GLY A 379 7.10 -7.69 -47.66
N ILE A 380 7.29 -8.05 -46.39
CA ILE A 380 8.14 -9.17 -46.05
C ILE A 380 7.57 -10.44 -46.64
N SER A 381 8.41 -11.47 -46.79
CA SER A 381 7.94 -12.75 -47.31
C SER A 381 6.89 -13.38 -46.40
N GLY A 382 7.29 -13.74 -45.18
CA GLY A 382 6.42 -14.48 -44.29
C GLY A 382 6.14 -13.86 -42.94
N LEU A 383 6.15 -12.54 -42.83
CA LEU A 383 5.81 -11.85 -41.59
C LEU A 383 4.74 -10.80 -41.88
N LYS A 384 3.91 -10.54 -40.89
CA LYS A 384 2.88 -9.51 -40.99
C LYS A 384 3.16 -8.44 -39.94
N VAL A 385 2.95 -7.19 -40.31
CA VAL A 385 3.16 -6.08 -39.40
C VAL A 385 1.86 -5.78 -38.67
N VAL A 386 1.93 -5.66 -37.35
CA VAL A 386 0.75 -5.42 -36.52
C VAL A 386 0.92 -4.08 -35.84
N GLY A 387 0.12 -3.10 -36.24
CA GLY A 387 0.17 -1.79 -35.62
C GLY A 387 -0.21 -0.72 -36.62
N GLU A 388 -0.34 0.50 -36.10
CA GLU A 388 -0.71 1.66 -36.89
C GLU A 388 0.52 2.51 -37.19
N SER A 389 0.40 3.35 -38.22
CA SER A 389 1.56 4.09 -38.70
C SER A 389 2.17 4.95 -37.61
N LEU A 390 1.34 5.61 -36.84
CA LEU A 390 1.74 6.54 -35.80
C LEU A 390 2.17 5.88 -34.52
N SER A 391 2.38 4.57 -34.48
CA SER A 391 2.72 3.88 -33.24
C SER A 391 4.23 3.71 -33.15
N PRO A 392 4.87 4.15 -32.06
CA PRO A 392 6.32 3.98 -31.95
C PRO A 392 6.75 2.52 -31.92
N ALA A 393 6.09 1.69 -31.12
CA ALA A 393 6.46 0.30 -30.96
C ALA A 393 5.36 -0.58 -31.53
N PHE A 394 5.71 -1.45 -32.47
CA PHE A 394 4.75 -2.40 -33.01
C PHE A 394 5.37 -3.78 -33.05
N HIS A 395 4.66 -4.70 -33.68
CA HIS A 395 4.99 -6.12 -33.63
C HIS A 395 5.11 -6.69 -35.03
N LEU A 396 5.95 -7.70 -35.17
CA LEU A 396 6.03 -8.52 -36.37
C LEU A 396 5.62 -9.93 -35.99
N GLN A 397 4.61 -10.48 -36.66
CA GLN A 397 4.10 -11.80 -36.34
C GLN A 397 4.18 -12.72 -37.56
N LEU A 398 3.99 -14.01 -37.34
CA LEU A 398 4.03 -14.96 -38.44
C LEU A 398 2.71 -14.93 -39.21
N GLU A 399 2.77 -15.12 -40.53
CA GLU A 399 1.55 -15.28 -41.28
C GLU A 399 1.03 -16.72 -41.19
N GLU A 400 1.84 -17.68 -41.61
CA GLU A 400 1.52 -19.10 -41.52
C GLU A 400 2.09 -19.65 -40.22
N SER A 401 1.23 -19.98 -39.28
CA SER A 401 1.64 -20.44 -37.96
C SER A 401 1.64 -21.95 -37.90
N THR A 402 2.77 -22.52 -37.50
CA THR A 402 2.85 -23.95 -37.26
C THR A 402 1.97 -24.32 -36.07
N GLY A 403 1.77 -25.62 -35.88
CA GLY A 403 0.79 -26.07 -34.90
C GLY A 403 1.09 -25.59 -33.49
N SER A 404 2.34 -25.72 -33.06
CA SER A 404 2.69 -25.41 -31.69
C SER A 404 3.16 -23.98 -31.54
N ARG A 405 2.99 -23.42 -30.34
CA ARG A 405 3.50 -22.09 -30.05
C ARG A 405 5.00 -22.09 -29.81
N GLU A 406 5.54 -23.14 -29.20
CA GLU A 406 6.95 -23.13 -28.84
C GLU A 406 7.82 -23.21 -30.09
N GLN A 407 7.34 -23.84 -31.15
CA GLN A 407 8.09 -23.83 -32.40
C GLN A 407 8.06 -22.44 -33.05
N ASP A 408 6.94 -21.74 -32.92
CA ASP A 408 6.90 -20.35 -33.41
C ASP A 408 7.88 -19.49 -32.64
N VAL A 409 7.97 -19.68 -31.32
CA VAL A 409 8.93 -18.92 -30.54
C VAL A 409 10.36 -19.25 -30.99
N ARG A 410 10.64 -20.52 -31.26
CA ARG A 410 11.99 -20.88 -31.71
C ARG A 410 12.31 -20.28 -33.06
N LEU A 411 11.34 -20.25 -33.98
CA LEU A 411 11.58 -19.61 -35.27
C LEU A 411 11.87 -18.13 -35.09
N LEU A 412 11.08 -17.45 -34.26
CA LEU A 412 11.31 -16.03 -34.04
C LEU A 412 12.67 -15.79 -33.41
N GLN A 413 13.09 -16.69 -32.51
CA GLN A 413 14.41 -16.53 -31.89
C GLN A 413 15.51 -16.74 -32.91
N GLU A 414 15.31 -17.64 -33.87
CA GLU A 414 16.27 -17.80 -34.95
C GLU A 414 16.42 -16.50 -35.73
N ILE A 415 15.28 -15.87 -36.05
CA ILE A 415 15.33 -14.60 -36.78
C ILE A 415 16.05 -13.54 -35.98
N VAL A 416 15.74 -13.45 -34.68
CA VAL A 416 16.34 -12.44 -33.83
C VAL A 416 17.85 -12.63 -33.74
N ASP A 417 18.31 -13.86 -33.56
CA ASP A 417 19.74 -14.11 -33.45
C ASP A 417 20.46 -13.77 -34.76
N GLN A 418 19.92 -14.24 -35.88
CA GLN A 418 20.61 -13.95 -37.14
C GLN A 418 20.56 -12.47 -37.48
N CYS A 419 19.58 -11.72 -36.95
CA CYS A 419 19.60 -10.27 -37.12
C CYS A 419 20.66 -9.64 -36.23
N MET A 420 20.75 -10.08 -34.98
CA MET A 420 21.70 -9.48 -34.05
C MET A 420 23.14 -9.73 -34.49
N ASN A 421 23.37 -10.82 -35.23
CA ASN A 421 24.72 -11.03 -35.76
C ASN A 421 25.06 -10.07 -36.89
N ARG A 422 24.08 -9.30 -37.37
CA ARG A 422 24.31 -8.26 -38.38
C ARG A 422 24.28 -6.86 -37.79
N SER A 423 24.38 -6.74 -36.46
CA SER A 423 24.45 -5.50 -35.68
C SER A 423 23.15 -4.73 -35.63
N ILE A 424 21.99 -5.38 -35.68
CA ILE A 424 20.71 -4.76 -35.33
C ILE A 424 20.16 -5.53 -34.15
N ALA A 425 19.99 -4.84 -33.03
CA ALA A 425 19.54 -5.49 -31.80
C ALA A 425 18.02 -5.45 -31.72
N LEU A 426 17.39 -6.62 -31.76
CA LEU A 426 15.95 -6.75 -31.66
C LEU A 426 15.61 -7.64 -30.48
N THR A 427 14.37 -7.53 -30.01
CA THR A 427 13.91 -8.33 -28.89
C THR A 427 12.57 -8.95 -29.24
N GLN A 428 12.17 -9.91 -28.42
CA GLN A 428 10.92 -10.63 -28.62
C GLN A 428 9.99 -10.37 -27.44
N ALA A 429 8.71 -10.21 -27.71
CA ALA A 429 7.76 -9.95 -26.65
C ALA A 429 7.67 -11.15 -25.71
N ARG A 430 7.63 -10.88 -24.41
CA ARG A 430 7.63 -11.91 -23.39
C ARG A 430 6.33 -11.84 -22.59
N TYR A 431 5.70 -12.99 -22.41
CA TYR A 431 4.45 -13.09 -21.68
C TYR A 431 4.50 -14.27 -20.72
N LEU A 432 3.57 -14.29 -19.77
CA LEU A 432 3.35 -15.43 -18.90
C LEU A 432 2.18 -16.24 -19.46
N GLU A 433 2.49 -17.43 -19.99
CA GLU A 433 1.46 -18.21 -20.67
C GLU A 433 0.34 -18.61 -19.72
N LYS A 434 0.68 -18.96 -18.48
CA LYS A 434 -0.34 -19.48 -17.57
C LYS A 434 -1.24 -18.38 -17.03
N GLU A 435 -0.69 -17.18 -16.82
CA GLU A 435 -1.43 -16.14 -16.11
C GLU A 435 -2.15 -15.17 -17.02
N GLU A 436 -1.69 -14.99 -18.26
CA GLU A 436 -2.31 -14.03 -19.15
C GLU A 436 -3.76 -14.42 -19.44
N LYS A 437 -4.66 -13.44 -19.31
CA LYS A 437 -6.07 -13.71 -19.55
C LYS A 437 -6.34 -13.97 -21.03
N CYS A 438 -5.77 -13.12 -21.90
CA CYS A 438 -5.87 -13.30 -23.33
C CYS A 438 -4.46 -13.25 -23.92
N LEU A 439 -3.95 -14.41 -24.32
CA LEU A 439 -2.54 -14.53 -24.68
C LEU A 439 -2.33 -14.10 -26.12
N PRO A 440 -1.53 -13.06 -26.37
CA PRO A 440 -1.27 -12.65 -27.74
C PRO A 440 -0.34 -13.63 -28.43
N PRO A 441 -0.37 -13.69 -29.76
CA PRO A 441 0.55 -14.57 -30.46
C PRO A 441 1.97 -14.10 -30.31
N PRO A 442 2.95 -14.99 -30.48
CA PRO A 442 4.35 -14.58 -30.36
C PRO A 442 4.71 -13.59 -31.46
N SER A 443 5.61 -12.67 -31.13
CA SER A 443 5.94 -11.59 -32.04
C SER A 443 7.30 -11.00 -31.71
N ILE A 444 7.92 -10.40 -32.71
CA ILE A 444 9.16 -9.65 -32.55
C ILE A 444 8.80 -8.18 -32.37
N ARG A 445 9.34 -7.56 -31.35
CA ARG A 445 8.98 -6.18 -31.03
C ARG A 445 9.93 -5.22 -31.74
N VAL A 446 9.37 -4.24 -32.46
CA VAL A 446 10.15 -3.22 -33.14
C VAL A 446 9.82 -1.88 -32.52
N VAL A 447 10.84 -1.15 -32.09
CA VAL A 447 10.68 0.11 -31.37
C VAL A 447 11.50 1.18 -32.06
N VAL A 448 10.90 2.34 -32.27
CA VAL A 448 11.50 3.44 -33.01
C VAL A 448 11.85 4.56 -32.06
N THR A 449 12.95 5.24 -32.33
CA THR A 449 13.54 6.23 -31.44
C THR A 449 14.05 7.40 -32.27
N VAL A 450 14.12 8.58 -31.65
CA VAL A 450 14.47 9.78 -32.41
C VAL A 450 15.93 9.78 -32.85
N GLU A 451 16.84 9.21 -32.04
CA GLU A 451 18.25 9.27 -32.42
C GLU A 451 18.60 8.37 -33.59
N GLN A 452 17.80 7.35 -33.88
CA GLN A 452 18.11 6.54 -35.04
C GLN A 452 17.97 7.37 -36.31
N THR A 453 18.98 7.29 -37.17
CA THR A 453 18.97 8.09 -38.37
C THR A 453 18.08 7.44 -39.42
N GLU A 454 18.02 8.06 -40.60
CA GLU A 454 17.26 7.48 -41.70
C GLU A 454 17.95 6.25 -42.27
N GLU A 455 19.28 6.34 -42.46
CA GLU A 455 20.01 5.22 -43.03
C GLU A 455 19.95 4.00 -42.13
N GLU A 456 19.93 4.20 -40.82
CA GLU A 456 19.84 3.07 -39.91
C GLU A 456 18.49 2.39 -40.03
N LEU A 457 17.42 3.17 -40.23
CA LEU A 457 16.10 2.57 -40.44
C LEU A 457 16.05 1.79 -41.75
N GLU A 458 16.58 2.35 -42.83
CA GLU A 458 16.60 1.63 -44.10
C GLU A 458 17.41 0.34 -43.99
N ARG A 459 18.57 0.40 -43.35
CA ARG A 459 19.41 -0.79 -43.23
C ARG A 459 18.77 -1.83 -42.33
N ALA A 460 18.08 -1.40 -41.27
CA ALA A 460 17.38 -2.35 -40.43
C ALA A 460 16.28 -3.06 -41.21
N ALA A 461 15.54 -2.31 -42.02
CA ALA A 461 14.48 -2.94 -42.82
C ALA A 461 15.05 -3.95 -43.80
N SER A 462 16.14 -3.58 -44.51
CA SER A 462 16.71 -4.52 -45.46
C SER A 462 17.28 -5.75 -44.77
N THR A 463 17.96 -5.57 -43.64
CA THR A 463 18.51 -6.70 -42.90
C THR A 463 17.40 -7.64 -42.44
N ILE A 464 16.34 -7.10 -41.85
CA ILE A 464 15.25 -7.94 -41.37
C ILE A 464 14.62 -8.69 -42.53
N LYS A 465 14.41 -8.01 -43.66
CA LYS A 465 13.76 -8.65 -44.78
C LYS A 465 14.59 -9.79 -45.33
N GLU A 466 15.90 -9.58 -45.51
CA GLU A 466 16.74 -10.63 -46.06
C GLU A 466 16.89 -11.80 -45.09
N VAL A 467 17.03 -11.51 -43.80
CA VAL A 467 17.15 -12.57 -42.80
C VAL A 467 15.88 -13.40 -42.73
N ALA A 468 14.72 -12.75 -42.71
CA ALA A 468 13.47 -13.50 -42.63
C ALA A 468 13.24 -14.32 -43.88
N GLN A 469 13.56 -13.78 -45.06
CA GLN A 469 13.35 -14.55 -46.27
C GLN A 469 14.32 -15.71 -46.34
N ALA A 470 15.46 -15.62 -45.65
CA ALA A 470 16.36 -16.77 -45.58
C ALA A 470 15.83 -17.83 -44.62
N VAL A 471 15.31 -17.40 -43.47
CA VAL A 471 14.91 -18.37 -42.44
C VAL A 471 13.61 -19.06 -42.80
N LEU A 472 12.56 -18.28 -43.06
CA LEU A 472 11.24 -18.87 -43.27
C LEU A 472 11.21 -19.78 -44.48
N LEU A 473 11.80 -19.33 -45.60
CA LEU A 473 11.91 -20.18 -46.77
C LEU A 473 12.80 -21.38 -46.50
N GLY B 53 13.57 -26.16 19.77
CA GLY B 53 13.58 -24.75 20.07
C GLY B 53 14.55 -24.39 21.19
N LEU B 54 15.81 -24.18 20.84
CA LEU B 54 16.85 -23.81 21.79
C LEU B 54 17.15 -22.33 21.65
N TYR B 55 17.08 -21.60 22.76
CA TYR B 55 17.40 -20.18 22.79
C TYR B 55 18.76 -20.02 23.46
N LYS B 56 19.79 -19.74 22.66
CA LYS B 56 21.14 -19.68 23.20
C LYS B 56 21.37 -18.42 24.01
N ARG B 57 20.64 -17.36 23.71
CA ARG B 57 20.64 -16.19 24.56
C ARG B 57 19.23 -15.88 25.05
N PRO B 58 19.08 -15.34 26.25
CA PRO B 58 17.74 -15.12 26.81
C PRO B 58 16.90 -14.23 25.91
N PHE B 59 15.62 -14.54 25.84
CA PHE B 59 14.67 -13.87 24.96
C PHE B 59 13.69 -13.11 25.83
N ASN B 60 13.86 -11.80 25.93
CA ASN B 60 13.07 -10.95 26.81
C ASN B 60 12.22 -10.01 25.97
N GLU B 61 10.95 -9.88 26.33
CA GLU B 61 10.06 -8.91 25.72
C GLU B 61 8.98 -8.55 26.73
N ALA B 62 8.31 -7.43 26.50
CA ALA B 62 7.29 -6.94 27.41
C ALA B 62 6.17 -6.28 26.63
N PHE B 63 4.94 -6.68 26.90
CA PHE B 63 3.75 -6.06 26.33
C PHE B 63 2.76 -5.79 27.47
N GLU B 64 2.90 -4.64 28.12
CA GLU B 64 2.08 -4.34 29.28
C GLU B 64 0.63 -4.11 28.88
N GLU B 65 -0.29 -4.52 29.75
CA GLU B 65 -1.72 -4.35 29.48
C GLU B 65 -2.14 -2.91 29.73
N THR B 66 -3.16 -2.48 28.98
CA THR B 66 -3.65 -1.12 29.14
C THR B 66 -4.41 -1.01 30.46
N PRO B 67 -4.14 0.01 31.26
CA PRO B 67 -4.92 0.21 32.48
C PRO B 67 -6.38 0.50 32.15
N MET B 68 -7.26 0.17 33.09
CA MET B 68 -8.70 0.25 32.82
C MET B 68 -9.14 1.69 32.57
N LEU B 69 -8.70 2.61 33.41
CA LEU B 69 -9.14 4.00 33.29
C LEU B 69 -8.75 4.58 31.94
N VAL B 70 -7.53 4.27 31.49
CA VAL B 70 -7.08 4.79 30.19
C VAL B 70 -7.96 4.26 29.07
N ALA B 71 -8.33 2.99 29.12
CA ALA B 71 -9.21 2.44 28.08
C ALA B 71 -10.57 3.12 28.10
N VAL B 72 -11.13 3.31 29.30
CA VAL B 72 -12.45 3.94 29.39
C VAL B 72 -12.41 5.35 28.83
N LEU B 73 -11.38 6.12 29.20
CA LEU B 73 -11.30 7.48 28.70
C LEU B 73 -11.03 7.52 27.19
N THR B 74 -10.31 6.52 26.67
CA THR B 74 -10.14 6.43 25.22
C THR B 74 -11.48 6.27 24.54
N TYR B 75 -12.33 5.40 25.06
CA TYR B 75 -13.63 5.18 24.45
C TYR B 75 -14.49 6.43 24.55
N VAL B 76 -14.42 7.13 25.69
CA VAL B 76 -15.19 8.37 25.82
C VAL B 76 -14.76 9.39 24.76
N GLY B 77 -13.45 9.56 24.58
CA GLY B 77 -12.98 10.51 23.58
C GLY B 77 -13.42 10.13 22.17
N TYR B 78 -13.29 8.85 21.82
CA TYR B 78 -13.68 8.41 20.50
C TYR B 78 -15.17 8.62 20.26
N GLY B 79 -15.98 8.34 21.28
CA GLY B 79 -17.41 8.55 21.14
C GLY B 79 -17.77 10.01 20.93
N VAL B 80 -17.13 10.90 21.69
CA VAL B 80 -17.40 12.34 21.51
C VAL B 80 -17.02 12.77 20.10
N LEU B 81 -15.88 12.31 19.62
CA LEU B 81 -15.45 12.68 18.27
C LEU B 81 -16.44 12.17 17.23
N THR B 82 -16.94 10.95 17.41
CA THR B 82 -17.89 10.39 16.46
C THR B 82 -19.19 11.19 16.46
N LEU B 83 -19.68 11.56 17.64
CA LEU B 83 -20.91 12.34 17.70
C LEU B 83 -20.76 13.68 17.02
N PHE B 84 -19.65 14.37 17.26
CA PHE B 84 -19.48 15.68 16.63
C PHE B 84 -19.25 15.53 15.13
N GLY B 85 -18.68 14.41 14.71
CA GLY B 85 -18.60 14.13 13.28
C GLY B 85 -19.97 13.96 12.65
N TYR B 86 -20.87 13.25 13.33
CA TYR B 86 -22.23 13.13 12.83
C TYR B 86 -22.91 14.49 12.76
N LEU B 87 -22.72 15.32 13.78
CA LEU B 87 -23.33 16.65 13.76
C LEU B 87 -22.79 17.48 12.61
N ARG B 88 -21.48 17.41 12.36
CA ARG B 88 -20.91 18.15 11.23
C ARG B 88 -21.45 17.65 9.91
N ASP B 89 -21.60 16.34 9.77
CA ASP B 89 -22.17 15.80 8.53
C ASP B 89 -23.59 16.29 8.34
N PHE B 90 -24.39 16.32 9.41
CA PHE B 90 -25.77 16.80 9.30
C PHE B 90 -25.81 18.27 8.93
N LEU B 91 -24.90 19.08 9.50
CA LEU B 91 -24.86 20.49 9.14
C LEU B 91 -24.47 20.68 7.69
N ARG B 92 -23.52 19.88 7.20
CA ARG B 92 -23.10 20.02 5.81
C ARG B 92 -24.18 19.52 4.85
N TYR B 93 -25.03 18.61 5.30
CA TYR B 93 -26.03 18.01 4.41
C TYR B 93 -27.04 19.04 3.94
N TRP B 94 -27.56 19.84 4.86
CA TRP B 94 -28.56 20.85 4.50
C TRP B 94 -27.95 22.13 3.98
N ARG B 95 -26.68 22.08 3.57
CA ARG B 95 -25.95 23.22 3.02
C ARG B 95 -25.90 24.40 3.98
N ILE B 96 -26.03 24.14 5.28
CA ILE B 96 -25.86 25.19 6.27
C ILE B 96 -24.42 25.73 6.22
N GLU B 97 -23.45 24.83 6.16
CA GLU B 97 -22.05 25.21 6.05
C GLU B 97 -21.49 24.65 4.75
N LYS B 98 -20.86 25.52 3.96
CA LYS B 98 -20.28 25.09 2.69
C LYS B 98 -19.15 24.10 2.94
N CYS B 99 -19.07 23.10 2.05
CA CYS B 99 -18.09 22.03 2.21
C CYS B 99 -16.81 22.39 1.46
N HIS B 100 -15.69 22.36 2.17
CA HIS B 100 -14.40 22.55 1.51
C HIS B 100 -14.05 21.39 0.59
N HIS B 101 -14.56 20.20 0.88
CA HIS B 101 -14.25 19.03 0.05
C HIS B 101 -14.72 19.26 -1.38
N ALA B 102 -13.90 18.83 -2.32
CA ALA B 102 -14.24 19.01 -3.72
C ALA B 102 -15.49 18.23 -4.08
N THR B 103 -16.26 18.77 -5.02
CA THR B 103 -17.53 18.20 -5.42
C THR B 103 -17.51 17.80 -6.89
N GLU B 104 -18.56 17.11 -7.31
CA GLU B 104 -18.64 16.61 -8.66
C GLU B 104 -18.79 17.74 -9.67
N ARG B 105 -18.12 17.57 -10.80
CA ARG B 105 -18.34 18.49 -11.91
C ARG B 105 -19.77 18.35 -12.39
N GLU B 106 -20.35 19.46 -12.85
CA GLU B 106 -21.81 19.60 -12.81
C GLU B 106 -22.50 18.53 -13.64
N GLU B 107 -22.01 18.26 -14.85
CA GLU B 107 -22.73 17.36 -15.74
C GLU B 107 -22.43 15.90 -15.47
N GLN B 108 -21.76 15.60 -14.36
CA GLN B 108 -21.68 14.23 -13.86
C GLN B 108 -22.48 14.04 -12.58
N LYS B 109 -23.53 14.82 -12.36
CA LYS B 109 -24.32 14.67 -11.15
C LYS B 109 -25.24 13.46 -11.23
N ASP B 110 -25.65 13.08 -12.44
CA ASP B 110 -26.54 11.94 -12.62
C ASP B 110 -25.85 10.61 -12.35
N PHE B 111 -24.53 10.54 -12.46
CA PHE B 111 -23.85 9.27 -12.25
C PHE B 111 -23.98 8.86 -10.79
N VAL B 112 -23.87 7.54 -10.56
CA VAL B 112 -23.84 7.05 -9.18
C VAL B 112 -22.64 7.65 -8.47
N SER B 113 -22.85 8.10 -7.23
CA SER B 113 -21.81 8.78 -6.50
C SER B 113 -20.55 7.92 -6.42
N LEU B 114 -19.40 8.55 -6.66
CA LEU B 114 -18.15 7.79 -6.75
C LEU B 114 -17.80 7.15 -5.42
N TYR B 115 -17.96 7.88 -4.32
CA TYR B 115 -17.64 7.38 -2.99
C TYR B 115 -18.92 7.22 -2.19
N GLN B 116 -18.96 6.17 -1.38
CA GLN B 116 -19.96 6.12 -0.31
C GLN B 116 -19.52 7.05 0.81
N ASP B 117 -20.45 7.87 1.29
CA ASP B 117 -20.10 8.88 2.29
C ASP B 117 -19.58 8.24 3.56
N PHE B 118 -20.31 7.23 4.07
CA PHE B 118 -19.94 6.60 5.36
C PHE B 118 -18.50 6.05 5.31
N GLU B 119 -18.03 5.67 4.12
CA GLU B 119 -16.65 5.12 3.99
C GLU B 119 -15.62 6.20 4.35
N ASN B 120 -15.90 7.45 4.02
CA ASN B 120 -14.93 8.56 4.27
C ASN B 120 -15.18 9.20 5.65
N PHE B 121 -16.16 8.73 6.41
CA PHE B 121 -16.50 9.33 7.73
C PHE B 121 -15.23 9.53 8.56
N TYR B 122 -14.46 8.46 8.78
CA TYR B 122 -13.25 8.54 9.60
C TYR B 122 -12.25 9.52 9.01
N THR B 123 -12.11 9.53 7.69
CA THR B 123 -11.20 10.48 7.07
C THR B 123 -11.70 11.91 7.25
N ARG B 124 -13.00 12.13 7.15
CA ARG B 124 -13.51 13.49 7.09
C ARG B 124 -13.45 14.16 8.46
N ASN B 125 -13.66 13.41 9.53
CA ASN B 125 -13.78 14.01 10.84
C ASN B 125 -12.61 13.66 11.75
N LEU B 126 -12.26 12.38 11.85
CA LEU B 126 -11.18 11.99 12.73
C LEU B 126 -9.83 12.40 12.17
N TYR B 127 -9.56 12.09 10.91
CA TYR B 127 -8.21 12.24 10.37
C TYR B 127 -7.88 13.69 10.08
N MET B 128 -8.82 14.44 9.49
CA MET B 128 -8.49 15.74 8.95
C MET B 128 -8.09 16.73 10.04
N ARG B 129 -8.53 16.50 11.27
CA ARG B 129 -8.32 17.48 12.32
C ARG B 129 -6.85 17.56 12.73
N ILE B 130 -6.13 16.46 12.66
CA ILE B 130 -4.74 16.41 13.07
C ILE B 130 -3.81 16.07 11.91
N ARG B 131 -4.16 16.50 10.70
CA ARG B 131 -3.41 16.11 9.51
C ARG B 131 -2.03 16.73 9.46
N ASP B 132 -1.76 17.76 10.27
CA ASP B 132 -0.50 18.48 10.13
C ASP B 132 0.67 17.68 10.66
N ASN B 133 0.42 16.61 11.40
CA ASN B 133 1.53 15.77 11.88
C ASN B 133 2.17 15.00 10.74
N TRP B 134 1.39 14.50 9.80
CA TRP B 134 1.92 13.66 8.74
C TRP B 134 2.22 14.50 7.50
N ASN B 135 2.93 13.87 6.56
CA ASN B 135 3.27 14.47 5.27
C ASN B 135 4.10 15.74 5.43
N ARG B 136 4.99 15.77 6.39
CA ARG B 136 5.82 16.96 6.58
C ARG B 136 6.92 16.98 5.53
N PRO B 137 7.00 18.02 4.70
CA PRO B 137 8.05 18.08 3.69
C PRO B 137 9.39 18.39 4.33
N ILE B 138 10.44 17.78 3.80
CA ILE B 138 11.80 18.01 4.27
C ILE B 138 12.63 18.47 3.10
N CYS B 139 13.66 19.28 3.39
CA CYS B 139 14.50 19.85 2.35
C CYS B 139 15.99 19.65 2.62
N SER B 140 16.39 18.46 3.05
CA SER B 140 17.80 18.16 3.30
C SER B 140 17.97 16.65 3.35
N VAL B 141 19.22 16.22 3.50
CA VAL B 141 19.49 14.79 3.61
C VAL B 141 18.91 14.26 4.91
N PRO B 142 18.16 13.16 4.92
CA PRO B 142 17.50 12.72 6.16
C PRO B 142 18.45 12.04 7.13
N GLY B 143 19.43 12.78 7.60
CA GLY B 143 20.42 12.27 8.52
C GLY B 143 19.92 12.30 9.96
N ALA B 144 20.87 12.50 10.87
CA ALA B 144 20.50 12.68 12.27
C ALA B 144 19.71 13.96 12.47
N ARG B 145 20.08 15.03 11.75
CA ARG B 145 19.38 16.30 11.79
C ARG B 145 18.80 16.57 10.41
N VAL B 146 17.52 16.95 10.36
CA VAL B 146 16.85 17.19 9.10
C VAL B 146 16.26 18.59 9.12
N ASP B 147 16.06 19.15 7.93
CA ASP B 147 15.48 20.49 7.79
C ASP B 147 14.07 20.35 7.23
N ILE B 148 13.10 20.92 7.93
CA ILE B 148 11.69 20.76 7.59
C ILE B 148 11.16 22.08 7.07
N MET B 149 10.38 22.03 6.01
CA MET B 149 9.73 23.22 5.48
C MET B 149 8.50 23.54 6.32
N GLU B 150 8.50 24.70 6.96
CA GLU B 150 7.41 25.02 7.88
C GLU B 150 6.17 25.45 7.11
N ARG B 151 5.02 24.92 7.51
CA ARG B 151 3.76 25.19 6.83
C ARG B 151 2.67 25.48 7.83
N GLN B 152 1.67 26.25 7.40
CA GLN B 152 0.56 26.65 8.24
C GLN B 152 -0.74 26.54 7.46
N SER B 153 -1.84 26.41 8.18
CA SER B 153 -3.16 26.24 7.58
C SER B 153 -4.15 27.18 8.24
N HIS B 154 -4.97 27.85 7.42
CA HIS B 154 -5.97 28.78 7.90
C HIS B 154 -7.38 28.23 7.90
N ASP B 155 -7.60 27.08 7.28
CA ASP B 155 -8.92 26.47 7.20
C ASP B 155 -8.97 25.14 7.93
N TYR B 156 -8.28 25.05 9.07
CA TYR B 156 -8.25 23.84 9.88
C TYR B 156 -7.87 22.61 9.07
N ASN B 157 -6.68 22.66 8.47
CA ASN B 157 -5.98 21.55 7.84
C ASN B 157 -6.55 21.12 6.50
N TRP B 158 -7.48 21.86 5.91
CA TRP B 158 -7.93 21.51 4.57
C TRP B 158 -6.93 21.95 3.52
N SER B 159 -6.32 23.12 3.71
CA SER B 159 -5.35 23.66 2.77
C SER B 159 -4.13 24.17 3.53
N PHE B 160 -2.95 24.01 2.94
CA PHE B 160 -1.69 24.36 3.59
C PHE B 160 -0.92 25.36 2.74
N LYS B 161 -0.38 26.39 3.38
CA LYS B 161 0.46 27.37 2.72
C LYS B 161 1.85 27.34 3.35
N TYR B 162 2.88 27.29 2.52
CA TYR B 162 4.25 27.23 3.01
C TYR B 162 4.71 28.65 3.30
N THR B 163 4.99 28.95 4.57
CA THR B 163 5.65 30.20 4.88
C THR B 163 7.13 30.12 4.51
N GLY B 164 7.81 31.25 4.64
CA GLY B 164 9.20 31.32 4.23
C GLY B 164 10.13 30.53 5.14
N ASN B 165 9.75 30.39 6.42
CA ASN B 165 10.66 29.80 7.39
C ASN B 165 10.93 28.34 7.09
N ILE B 166 12.17 27.93 7.33
CA ILE B 166 12.59 26.54 7.31
C ILE B 166 13.10 26.20 8.69
N ILE B 167 12.53 25.17 9.30
CA ILE B 167 12.93 24.77 10.65
C ILE B 167 14.19 23.93 10.56
N LYS B 168 15.32 24.49 10.99
CA LYS B 168 16.61 23.87 10.77
C LYS B 168 17.11 23.23 12.06
N GLY B 169 17.72 22.06 11.93
CA GLY B 169 18.29 21.37 13.06
C GLY B 169 17.36 20.43 13.79
N VAL B 170 16.27 19.99 13.15
CA VAL B 170 15.35 19.07 13.81
C VAL B 170 16.01 17.72 13.99
N ILE B 171 16.01 17.22 15.21
CA ILE B 171 16.51 15.87 15.47
C ILE B 171 15.57 14.87 14.84
N ASN B 172 16.12 13.90 14.12
CA ASN B 172 15.33 13.07 13.21
C ASN B 172 15.13 11.69 13.81
N MET B 173 13.98 11.50 14.44
CA MET B 173 13.64 10.20 14.98
C MET B 173 12.73 9.43 14.02
N GLY B 174 12.45 10.00 12.85
CA GLY B 174 11.49 9.37 11.95
C GLY B 174 12.14 8.48 10.91
N SER B 175 13.15 8.99 10.20
CA SER B 175 13.74 8.25 9.10
C SER B 175 14.52 7.04 9.62
N TYR B 176 14.47 5.95 8.85
CA TYR B 176 15.06 4.70 9.30
C TYR B 176 16.57 4.72 9.44
N ASN B 177 17.30 4.75 8.32
CA ASN B 177 18.76 4.80 8.24
C ASN B 177 19.44 4.12 9.42
N TYR B 178 19.07 2.86 9.70
CA TYR B 178 19.53 2.20 10.93
C TYR B 178 21.04 2.26 11.06
N LEU B 179 21.77 1.99 9.99
CA LEU B 179 23.23 1.99 10.04
C LEU B 179 23.82 3.34 9.66
N GLY B 180 22.99 4.34 9.38
CA GLY B 180 23.50 5.66 9.05
C GLY B 180 24.25 5.72 7.74
N PHE B 181 23.70 5.11 6.69
CA PHE B 181 24.26 5.21 5.37
C PHE B 181 23.60 6.29 4.53
N ALA B 182 22.75 7.13 5.14
CA ALA B 182 22.09 8.22 4.42
C ALA B 182 22.92 9.48 4.61
N ARG B 183 23.83 9.73 3.68
CA ARG B 183 24.67 10.91 3.69
C ARG B 183 24.86 11.41 2.28
N ASN B 184 25.19 12.69 2.15
CA ASN B 184 25.49 13.28 0.85
C ASN B 184 26.99 13.39 0.60
N THR B 185 27.82 12.72 1.38
CA THR B 185 29.25 12.68 1.17
C THR B 185 29.76 11.28 1.47
N GLY B 186 30.95 10.97 0.97
CA GLY B 186 31.55 9.68 1.26
C GLY B 186 31.96 8.91 0.03
N SER B 187 32.36 7.66 0.20
CA SER B 187 32.75 6.83 -0.93
C SER B 187 31.52 6.30 -1.67
N CYS B 188 30.45 6.03 -0.93
CA CYS B 188 29.22 5.56 -1.58
C CYS B 188 28.70 6.58 -2.58
N GLN B 189 28.67 7.84 -2.18
CA GLN B 189 28.18 8.89 -3.06
C GLN B 189 29.07 9.06 -4.29
N GLU B 190 30.39 8.97 -4.11
CA GLU B 190 31.29 9.09 -5.26
C GLU B 190 31.10 7.94 -6.24
N ALA B 191 30.97 6.72 -5.72
CA ALA B 191 30.73 5.58 -6.61
C ALA B 191 29.41 5.73 -7.36
N ALA B 192 28.37 6.18 -6.66
CA ALA B 192 27.08 6.38 -7.32
C ALA B 192 27.18 7.46 -8.39
N ALA B 193 27.94 8.53 -8.13
CA ALA B 193 28.11 9.57 -9.13
C ALA B 193 28.83 9.05 -10.36
N LYS B 194 29.88 8.25 -10.16
CA LYS B 194 30.60 7.69 -11.30
C LYS B 194 29.70 6.82 -12.15
N VAL B 195 28.92 5.95 -11.51
CA VAL B 195 28.04 5.07 -12.28
C VAL B 195 26.92 5.87 -12.93
N LEU B 196 26.48 6.94 -12.29
CA LEU B 196 25.48 7.81 -12.92
C LEU B 196 26.01 8.43 -14.20
N GLU B 197 27.26 8.90 -14.16
CA GLU B 197 27.85 9.46 -15.36
C GLU B 197 28.01 8.41 -16.45
N GLU B 198 28.44 7.20 -16.07
CA GLU B 198 28.74 6.19 -17.08
C GLU B 198 27.48 5.56 -17.68
N TYR B 199 26.47 5.30 -16.87
CA TYR B 199 25.30 4.54 -17.28
C TYR B 199 24.06 5.38 -17.52
N GLY B 200 23.96 6.54 -16.92
CA GLY B 200 22.72 7.29 -16.96
C GLY B 200 21.75 6.83 -15.91
N ALA B 201 20.70 7.61 -15.71
CA ALA B 201 19.71 7.36 -14.66
C ALA B 201 18.53 6.62 -15.27
N GLY B 202 18.27 5.43 -14.74
CA GLY B 202 17.14 4.64 -15.21
C GLY B 202 17.49 3.72 -16.36
N VAL B 203 16.70 2.67 -16.49
CA VAL B 203 16.76 1.74 -17.61
C VAL B 203 15.37 1.67 -18.21
N CYS B 204 15.29 1.34 -19.50
CA CYS B 204 14.07 1.56 -20.24
C CYS B 204 13.35 0.29 -20.67
N SER B 205 13.70 -0.87 -20.13
CA SER B 205 13.02 -2.10 -20.52
C SER B 205 13.14 -3.15 -19.43
N THR B 206 12.28 -4.16 -19.53
CA THR B 206 12.19 -5.21 -18.52
C THR B 206 13.44 -6.08 -18.53
N ARG B 207 13.60 -6.87 -17.48
CA ARG B 207 14.81 -7.67 -17.34
C ARG B 207 14.91 -8.74 -18.41
N GLN B 208 13.79 -9.38 -18.75
CA GLN B 208 13.87 -10.49 -19.69
C GLN B 208 14.22 -10.07 -21.11
N GLU B 209 13.94 -8.83 -21.50
CA GLU B 209 14.13 -8.50 -22.91
C GLU B 209 15.50 -7.90 -23.19
N ILE B 210 15.75 -6.69 -22.71
CA ILE B 210 17.05 -6.06 -22.88
C ILE B 210 17.50 -5.34 -21.61
N GLY B 211 16.63 -5.25 -20.61
CA GLY B 211 16.93 -4.46 -19.44
C GLY B 211 17.87 -5.11 -18.45
N ASN B 212 18.37 -6.30 -18.76
CA ASN B 212 19.36 -6.92 -17.89
C ASN B 212 20.74 -6.38 -18.21
N LEU B 213 21.44 -5.92 -17.18
CA LEU B 213 22.76 -5.30 -17.35
C LEU B 213 23.79 -6.09 -16.56
N ASP B 214 25.05 -5.68 -16.68
CA ASP B 214 26.09 -6.30 -15.89
C ASP B 214 26.03 -5.88 -14.42
N LYS B 215 25.57 -4.67 -14.15
CA LYS B 215 25.44 -4.22 -12.77
C LYS B 215 24.48 -5.10 -11.98
N HIS B 216 23.36 -5.47 -12.60
CA HIS B 216 22.40 -6.32 -11.92
C HIS B 216 22.99 -7.68 -11.59
N GLU B 217 23.79 -8.23 -12.52
CA GLU B 217 24.44 -9.51 -12.24
C GLU B 217 25.43 -9.41 -11.09
N GLU B 218 26.23 -8.33 -11.07
CA GLU B 218 27.15 -8.14 -9.95
C GLU B 218 26.40 -8.04 -8.63
N LEU B 219 25.29 -7.29 -8.62
CA LEU B 219 24.53 -7.14 -7.40
C LEU B 219 23.96 -8.47 -6.93
N GLU B 220 23.42 -9.27 -7.85
CA GLU B 220 22.82 -10.55 -7.47
C GLU B 220 23.88 -11.48 -6.88
N GLU B 221 25.06 -11.53 -7.50
CA GLU B 221 26.12 -12.37 -6.96
C GLU B 221 26.57 -11.88 -5.58
N LEU B 222 26.71 -10.57 -5.41
CA LEU B 222 27.16 -10.04 -4.13
C LEU B 222 26.15 -10.32 -3.02
N VAL B 223 24.86 -10.17 -3.31
CA VAL B 223 23.85 -10.48 -2.30
C VAL B 223 23.88 -11.95 -1.95
N ALA B 224 24.04 -12.82 -2.96
CA ALA B 224 24.13 -14.25 -2.69
C ALA B 224 25.27 -14.55 -1.73
N ARG B 225 26.43 -13.91 -1.93
CA ARG B 225 27.53 -14.12 -0.97
C ARG B 225 27.20 -13.53 0.39
N PHE B 226 26.54 -12.38 0.43
CA PHE B 226 26.30 -11.69 1.69
C PHE B 226 25.41 -12.51 2.61
N LEU B 227 24.27 -12.97 2.11
CA LEU B 227 23.35 -13.70 2.98
C LEU B 227 23.90 -15.04 3.39
N GLY B 228 24.60 -15.72 2.49
CA GLY B 228 25.03 -17.08 2.70
C GLY B 228 24.27 -18.12 1.89
N VAL B 229 23.21 -17.70 1.20
CA VAL B 229 22.44 -18.63 0.39
C VAL B 229 23.12 -18.83 -0.96
N GLU B 230 22.64 -19.83 -1.71
CA GLU B 230 23.26 -20.15 -2.98
C GLU B 230 22.99 -19.10 -4.04
N ALA B 231 21.77 -18.57 -4.10
CA ALA B 231 21.43 -17.63 -5.15
C ALA B 231 20.47 -16.58 -4.63
N ALA B 232 20.39 -15.47 -5.37
CA ALA B 232 19.54 -14.35 -5.01
C ALA B 232 19.07 -13.62 -6.26
N MET B 233 18.10 -12.74 -6.08
CA MET B 233 17.56 -11.93 -7.16
C MET B 233 17.08 -10.61 -6.59
N ALA B 234 17.15 -9.55 -7.41
CA ALA B 234 16.84 -8.20 -6.99
C ALA B 234 15.68 -7.62 -7.78
N TYR B 235 14.87 -6.80 -7.12
CA TYR B 235 13.68 -6.20 -7.71
C TYR B 235 13.65 -4.71 -7.41
N GLY B 236 12.82 -3.99 -8.17
CA GLY B 236 12.80 -2.54 -8.06
C GLY B 236 12.28 -2.02 -6.74
N MET B 237 11.22 -2.63 -6.21
CA MET B 237 10.56 -2.15 -5.02
C MET B 237 10.12 -3.32 -4.14
N GLY B 238 10.31 -3.18 -2.83
CA GLY B 238 10.01 -4.29 -1.92
C GLY B 238 8.54 -4.66 -1.90
N PHE B 239 7.67 -3.67 -1.84
CA PHE B 239 6.25 -3.93 -1.97
C PHE B 239 5.96 -4.74 -3.23
N ALA B 240 6.57 -4.34 -4.35
CA ALA B 240 6.45 -5.12 -5.57
C ALA B 240 7.03 -6.51 -5.38
N THR B 241 8.16 -6.62 -4.67
CA THR B 241 8.76 -7.94 -4.47
C THR B 241 7.75 -8.90 -3.87
N ASN B 242 7.13 -8.51 -2.76
CA ASN B 242 6.15 -9.39 -2.13
C ASN B 242 4.96 -9.64 -3.04
N SER B 243 4.34 -8.56 -3.54
CA SER B 243 3.05 -8.71 -4.20
C SER B 243 3.20 -9.35 -5.58
N MET B 244 4.43 -9.48 -6.07
CA MET B 244 4.66 -10.10 -7.36
C MET B 244 5.37 -11.44 -7.28
N ASN B 245 5.91 -11.81 -6.13
CA ASN B 245 6.52 -13.11 -6.04
C ASN B 245 5.78 -14.09 -5.16
N ILE B 246 4.86 -13.65 -4.29
CA ILE B 246 3.98 -14.58 -3.61
C ILE B 246 3.11 -15.36 -4.59
N PRO B 247 2.44 -14.74 -5.57
CA PRO B 247 1.58 -15.52 -6.46
C PRO B 247 2.31 -16.58 -7.27
N ALA B 248 3.60 -16.39 -7.52
CA ALA B 248 4.33 -17.35 -8.34
C ALA B 248 4.54 -18.67 -7.60
N LEU B 249 4.71 -18.61 -6.29
CA LEU B 249 5.04 -19.82 -5.53
C LEU B 249 3.81 -20.68 -5.29
N VAL B 250 2.81 -20.13 -4.61
CA VAL B 250 1.62 -20.88 -4.20
C VAL B 250 0.47 -20.53 -5.11
N GLY B 251 -0.36 -21.52 -5.43
CA GLY B 251 -1.52 -21.30 -6.27
C GLY B 251 -2.79 -21.79 -5.61
N LYS B 252 -3.86 -21.92 -6.38
CA LYS B 252 -5.11 -22.45 -5.84
C LYS B 252 -4.93 -23.88 -5.37
N GLY B 253 -5.39 -24.15 -4.15
CA GLY B 253 -5.21 -25.45 -3.54
C GLY B 253 -4.10 -25.53 -2.52
N CYS B 254 -3.48 -24.42 -2.17
CA CYS B 254 -2.45 -24.38 -1.16
C CYS B 254 -2.91 -23.51 -0.01
N LEU B 255 -2.30 -23.71 1.16
CA LEU B 255 -2.67 -22.99 2.36
C LEU B 255 -1.57 -22.02 2.75
N ILE B 256 -1.96 -20.81 3.12
CA ILE B 256 -1.03 -19.77 3.53
C ILE B 256 -1.34 -19.44 4.98
N LEU B 257 -0.42 -19.78 5.89
CA LEU B 257 -0.57 -19.39 7.28
C LEU B 257 0.15 -18.08 7.50
N SER B 258 -0.61 -17.03 7.80
CA SER B 258 -0.06 -15.68 7.86
C SER B 258 -0.15 -15.15 9.28
N ASP B 259 0.84 -14.40 9.69
CA ASP B 259 0.83 -13.77 11.00
C ASP B 259 -0.29 -12.74 11.09
N GLU B 260 -0.73 -12.47 12.31
CA GLU B 260 -1.82 -11.52 12.49
C GLU B 260 -1.42 -10.12 12.06
N LEU B 261 -0.20 -9.70 12.38
CA LEU B 261 0.25 -8.33 12.16
C LEU B 261 1.18 -8.21 10.96
N ASN B 262 0.94 -9.01 9.93
CA ASN B 262 1.80 -8.98 8.75
C ASN B 262 1.62 -7.67 8.00
N HIS B 263 2.67 -7.28 7.28
CA HIS B 263 2.64 -6.08 6.47
C HIS B 263 1.54 -6.17 5.42
N ALA B 264 1.17 -5.02 4.86
CA ALA B 264 0.10 -4.99 3.87
C ALA B 264 0.52 -5.70 2.59
N SER B 265 1.81 -5.63 2.25
CA SER B 265 2.28 -6.24 1.01
C SER B 265 2.11 -7.75 1.03
N LEU B 266 2.42 -8.39 2.16
CA LEU B 266 2.27 -9.84 2.24
C LEU B 266 0.81 -10.25 2.10
N VAL B 267 -0.08 -9.50 2.75
CA VAL B 267 -1.51 -9.81 2.63
C VAL B 267 -1.97 -9.65 1.19
N LEU B 268 -1.53 -8.59 0.51
CA LEU B 268 -1.91 -8.39 -0.89
C LEU B 268 -1.39 -9.52 -1.76
N GLY B 269 -0.15 -9.93 -1.54
CA GLY B 269 0.39 -11.05 -2.30
C GLY B 269 -0.38 -12.33 -2.07
N ALA B 270 -0.77 -12.59 -0.83
CA ALA B 270 -1.56 -13.78 -0.55
C ALA B 270 -2.93 -13.71 -1.23
N ARG B 271 -3.55 -12.53 -1.25
CA ARG B 271 -4.86 -12.41 -1.86
C ARG B 271 -4.80 -12.55 -3.37
N LEU B 272 -3.72 -12.07 -4.00
CA LEU B 272 -3.62 -12.17 -5.45
C LEU B 272 -3.60 -13.62 -5.92
N SER B 273 -2.81 -14.46 -5.25
CA SER B 273 -2.85 -15.87 -5.56
C SER B 273 -4.11 -16.50 -4.96
N GLY B 274 -4.50 -17.63 -5.53
CA GLY B 274 -5.75 -18.25 -5.11
C GLY B 274 -5.69 -19.05 -3.84
N ALA B 275 -4.54 -19.07 -3.15
CA ALA B 275 -4.39 -19.92 -1.99
C ALA B 275 -5.32 -19.50 -0.86
N THR B 276 -5.75 -20.48 -0.08
CA THR B 276 -6.55 -20.19 1.11
C THR B 276 -5.67 -19.55 2.18
N ILE B 277 -6.24 -18.58 2.89
CA ILE B 277 -5.49 -17.79 3.87
C ILE B 277 -6.11 -17.99 5.24
N ARG B 278 -5.27 -18.33 6.21
CA ARG B 278 -5.67 -18.42 7.60
C ARG B 278 -4.67 -17.65 8.45
N ILE B 279 -5.14 -17.11 9.56
CA ILE B 279 -4.37 -16.18 10.37
C ILE B 279 -4.23 -16.73 11.78
N PHE B 280 -3.00 -16.72 12.31
CA PHE B 280 -2.75 -17.13 13.67
C PHE B 280 -2.33 -15.93 14.51
N LYS B 281 -2.37 -16.12 15.83
CA LYS B 281 -2.09 -15.02 16.75
C LYS B 281 -0.63 -14.60 16.65
N HIS B 282 -0.36 -13.35 16.99
CA HIS B 282 0.97 -12.78 16.81
C HIS B 282 1.97 -13.43 17.75
N ASN B 283 2.92 -14.19 17.20
CA ASN B 283 3.91 -14.94 17.96
C ASN B 283 3.27 -15.82 19.03
N ASN B 284 2.26 -16.58 18.67
CA ASN B 284 1.68 -17.56 19.59
C ASN B 284 1.96 -18.93 19.00
N MET B 285 3.06 -19.55 19.43
CA MET B 285 3.48 -20.81 18.83
C MET B 285 2.47 -21.92 19.06
N GLN B 286 1.74 -21.88 20.18
CA GLN B 286 0.68 -22.86 20.38
C GLN B 286 -0.42 -22.70 19.34
N SER B 287 -0.77 -21.46 19.01
CA SER B 287 -1.78 -21.25 17.98
C SER B 287 -1.29 -21.73 16.62
N LEU B 288 -0.02 -21.47 16.31
CA LEU B 288 0.53 -21.95 15.04
C LEU B 288 0.52 -23.46 14.97
N GLU B 289 0.90 -24.13 16.06
CA GLU B 289 0.91 -25.60 16.05
C GLU B 289 -0.51 -26.14 15.91
N LYS B 290 -1.47 -25.51 16.58
CA LYS B 290 -2.86 -25.95 16.44
C LYS B 290 -3.33 -25.82 15.00
N LEU B 291 -3.02 -24.68 14.37
CA LEU B 291 -3.42 -24.49 12.98
C LEU B 291 -2.78 -25.51 12.07
N LEU B 292 -1.49 -25.80 12.28
CA LEU B 292 -0.81 -26.78 11.43
C LEU B 292 -1.42 -28.17 11.59
N LYS B 293 -1.67 -28.59 12.83
CA LYS B 293 -2.26 -29.90 13.06
C LYS B 293 -3.62 -30.01 12.39
N ASP B 294 -4.48 -29.00 12.59
CA ASP B 294 -5.81 -29.04 12.00
C ASP B 294 -5.73 -29.05 10.49
N ALA B 295 -4.86 -28.22 9.91
CA ALA B 295 -4.78 -28.14 8.46
C ALA B 295 -4.34 -29.47 7.86
N ILE B 296 -3.35 -30.13 8.46
CA ILE B 296 -2.89 -31.40 7.90
C ILE B 296 -3.94 -32.48 8.10
N VAL B 297 -4.60 -32.50 9.26
CA VAL B 297 -5.50 -33.61 9.56
C VAL B 297 -6.78 -33.52 8.74
N TYR B 298 -7.40 -32.34 8.69
CA TYR B 298 -8.73 -32.26 8.08
C TYR B 298 -8.68 -32.06 6.57
N GLY B 299 -7.81 -31.19 6.08
CA GLY B 299 -7.66 -31.03 4.65
C GLY B 299 -8.42 -29.85 4.09
N GLN B 300 -8.55 -29.86 2.75
CA GLN B 300 -9.16 -28.74 2.06
C GLN B 300 -10.63 -28.61 2.48
N PRO B 301 -11.17 -27.39 2.52
CA PRO B 301 -12.47 -27.17 3.17
C PRO B 301 -13.65 -27.88 2.51
N ARG B 302 -13.89 -27.62 1.22
CA ARG B 302 -15.08 -28.17 0.59
C ARG B 302 -14.94 -29.67 0.41
N THR B 303 -13.96 -30.09 -0.38
CA THR B 303 -13.65 -31.49 -0.58
C THR B 303 -12.42 -31.84 0.22
N ARG B 304 -12.57 -32.75 1.18
CA ARG B 304 -11.48 -33.00 2.13
C ARG B 304 -10.38 -33.76 1.40
N ARG B 305 -9.57 -33.01 0.66
CA ARG B 305 -8.42 -33.53 -0.07
C ARG B 305 -7.16 -32.98 0.56
N PRO B 306 -6.05 -33.71 0.48
CA PRO B 306 -4.81 -33.22 1.07
C PRO B 306 -4.34 -31.93 0.41
N TRP B 307 -3.76 -31.04 1.21
CA TRP B 307 -3.22 -29.80 0.66
C TRP B 307 -2.02 -30.09 -0.23
N LYS B 308 -1.85 -29.27 -1.26
CA LYS B 308 -0.65 -29.38 -2.08
C LYS B 308 0.57 -28.88 -1.33
N LYS B 309 0.45 -27.73 -0.68
CA LYS B 309 1.58 -27.07 -0.05
C LYS B 309 1.07 -26.26 1.14
N ILE B 310 1.95 -26.03 2.10
CA ILE B 310 1.65 -25.18 3.25
C ILE B 310 2.80 -24.20 3.42
N LEU B 311 2.50 -22.92 3.33
CA LEU B 311 3.50 -21.86 3.35
C LEU B 311 3.23 -20.95 4.54
N ILE B 312 4.29 -20.60 5.28
CA ILE B 312 4.19 -19.79 6.48
C ILE B 312 4.88 -18.46 6.22
N LEU B 313 4.11 -17.37 6.30
CA LEU B 313 4.64 -16.04 6.10
C LEU B 313 4.93 -15.40 7.46
N VAL B 314 6.19 -15.05 7.71
CA VAL B 314 6.56 -14.37 8.94
C VAL B 314 7.50 -13.23 8.62
N GLU B 315 7.64 -12.31 9.57
CA GLU B 315 8.51 -11.16 9.42
C GLU B 315 9.66 -11.21 10.42
N GLY B 316 10.81 -10.68 10.02
CA GLY B 316 11.95 -10.66 10.93
C GLY B 316 11.73 -9.77 12.13
N ILE B 317 11.32 -8.53 11.89
CA ILE B 317 10.94 -7.60 12.95
C ILE B 317 9.64 -6.93 12.52
N TYR B 318 8.65 -6.94 13.40
CA TYR B 318 7.41 -6.25 13.11
C TYR B 318 7.58 -4.77 13.42
N SER B 319 7.33 -3.92 12.41
CA SER B 319 7.66 -2.52 12.52
C SER B 319 6.87 -1.84 13.63
N MET B 320 5.57 -2.13 13.74
CA MET B 320 4.74 -1.45 14.73
C MET B 320 4.96 -2.01 16.12
N GLU B 321 4.70 -3.30 16.31
CA GLU B 321 4.82 -3.87 17.64
C GLU B 321 6.26 -3.86 18.13
N GLY B 322 7.22 -3.98 17.23
CA GLY B 322 8.61 -3.97 17.61
C GLY B 322 9.13 -5.27 18.17
N SER B 323 8.43 -6.37 17.95
CA SER B 323 8.83 -7.67 18.48
C SER B 323 9.55 -8.48 17.43
N ILE B 324 10.49 -9.29 17.86
CA ILE B 324 11.25 -10.16 16.99
C ILE B 324 10.55 -11.51 16.95
N VAL B 325 10.51 -12.12 15.77
CA VAL B 325 9.84 -13.41 15.63
C VAL B 325 10.61 -14.50 16.36
N ARG B 326 9.89 -15.46 16.92
CA ARG B 326 10.48 -16.58 17.65
C ARG B 326 10.96 -17.62 16.65
N LEU B 327 12.09 -17.33 16.01
CA LEU B 327 12.53 -18.14 14.89
C LEU B 327 12.86 -19.58 15.23
N PRO B 328 13.57 -19.92 16.30
CA PRO B 328 13.90 -21.33 16.52
C PRO B 328 12.69 -22.23 16.65
N GLU B 329 11.65 -21.76 17.34
CA GLU B 329 10.44 -22.57 17.46
C GLU B 329 9.73 -22.69 16.13
N VAL B 330 9.74 -21.62 15.32
CA VAL B 330 9.11 -21.68 14.01
C VAL B 330 9.82 -22.70 13.13
N ILE B 331 11.15 -22.72 13.19
CA ILE B 331 11.89 -23.68 12.36
C ILE B 331 11.66 -25.10 12.85
N ALA B 332 11.59 -25.30 14.17
CA ALA B 332 11.29 -26.64 14.68
C ALA B 332 9.92 -27.11 14.20
N LEU B 333 8.92 -26.23 14.25
CA LEU B 333 7.59 -26.60 13.77
C LEU B 333 7.60 -26.88 12.27
N LYS B 334 8.31 -26.05 11.51
CA LYS B 334 8.39 -26.26 10.06
C LYS B 334 9.00 -27.61 9.75
N LYS B 335 10.04 -27.99 10.47
CA LYS B 335 10.66 -29.29 10.25
C LYS B 335 9.71 -30.41 10.62
N LYS B 336 8.98 -30.27 11.73
CA LYS B 336 8.14 -31.37 12.19
C LYS B 336 6.93 -31.58 11.30
N TYR B 337 6.37 -30.51 10.74
CA TYR B 337 5.13 -30.61 9.99
C TYR B 337 5.29 -30.42 8.49
N LYS B 338 6.52 -30.43 7.99
CA LYS B 338 6.81 -30.42 6.55
C LYS B 338 6.15 -29.24 5.84
N ALA B 339 6.38 -28.04 6.35
CA ALA B 339 5.87 -26.84 5.71
C ALA B 339 7.00 -26.10 5.03
N TYR B 340 6.72 -24.92 4.48
CA TYR B 340 7.74 -24.06 3.89
C TYR B 340 7.68 -22.70 4.55
N LEU B 341 8.80 -22.00 4.57
CA LEU B 341 8.94 -20.77 5.33
C LEU B 341 9.29 -19.61 4.42
N TYR B 342 8.64 -18.47 4.63
CA TYR B 342 8.86 -17.25 3.88
C TYR B 342 9.13 -16.14 4.88
N LEU B 343 10.39 -15.74 4.99
CA LEU B 343 10.84 -14.83 6.03
C LEU B 343 11.06 -13.45 5.43
N ASP B 344 10.32 -12.46 5.91
CA ASP B 344 10.39 -11.09 5.42
C ASP B 344 11.28 -10.30 6.38
N GLU B 345 12.51 -10.02 5.94
CA GLU B 345 13.51 -9.38 6.79
C GLU B 345 13.68 -7.90 6.47
N ALA B 346 12.59 -7.19 6.18
CA ALA B 346 12.70 -5.80 5.76
C ALA B 346 13.35 -4.96 6.84
N HIS B 347 12.95 -5.13 8.09
CA HIS B 347 13.40 -4.26 9.16
C HIS B 347 14.57 -4.82 9.95
N SER B 348 15.09 -5.99 9.59
CA SER B 348 16.12 -6.64 10.40
C SER B 348 17.33 -7.08 9.58
N ILE B 349 17.44 -6.68 8.33
CA ILE B 349 18.55 -7.14 7.50
C ILE B 349 19.86 -6.52 7.98
N GLY B 350 19.83 -5.26 8.37
CA GLY B 350 21.06 -4.60 8.77
C GLY B 350 21.19 -4.43 10.26
N ALA B 351 20.08 -4.16 10.95
CA ALA B 351 20.16 -3.78 12.35
C ALA B 351 20.60 -4.94 13.24
N LEU B 352 20.01 -6.11 13.04
CA LEU B 352 20.15 -7.21 13.98
C LEU B 352 21.32 -8.13 13.61
N GLY B 353 22.05 -8.56 14.62
CA GLY B 353 23.13 -9.49 14.43
C GLY B 353 24.48 -8.89 14.72
N PRO B 354 25.41 -9.71 15.22
CA PRO B 354 26.75 -9.19 15.51
C PRO B 354 27.45 -8.61 14.31
N THR B 355 27.26 -9.19 13.13
CA THR B 355 27.82 -8.66 11.90
C THR B 355 26.77 -8.22 10.91
N GLY B 356 25.51 -8.18 11.33
CA GLY B 356 24.47 -7.59 10.50
C GLY B 356 23.98 -8.43 9.35
N ARG B 357 24.11 -9.76 9.42
CA ARG B 357 23.57 -10.58 8.35
C ARG B 357 22.06 -10.69 8.44
N GLY B 358 21.49 -10.50 9.62
CA GLY B 358 20.06 -10.51 9.77
C GLY B 358 19.66 -11.22 11.04
N VAL B 359 18.36 -11.55 11.13
CA VAL B 359 17.83 -12.22 12.32
C VAL B 359 18.40 -13.62 12.43
N VAL B 360 18.65 -14.27 11.30
CA VAL B 360 19.18 -15.63 11.33
C VAL B 360 20.55 -15.67 11.97
N GLU B 361 21.37 -14.64 11.76
CA GLU B 361 22.61 -14.54 12.51
C GLU B 361 22.33 -14.23 13.97
N TYR B 362 21.30 -13.43 14.24
CA TYR B 362 21.01 -13.03 15.61
C TYR B 362 20.69 -14.25 16.47
N PHE B 363 19.97 -15.21 15.92
CA PHE B 363 19.68 -16.44 16.64
C PHE B 363 20.75 -17.50 16.45
N GLY B 364 21.75 -17.26 15.60
CA GLY B 364 22.79 -18.24 15.37
C GLY B 364 22.31 -19.50 14.66
N LEU B 365 21.38 -19.36 13.73
CA LEU B 365 20.82 -20.48 13.02
C LEU B 365 21.54 -20.68 11.68
N ASP B 366 20.98 -21.51 10.82
CA ASP B 366 21.58 -21.87 9.54
C ASP B 366 20.70 -21.35 8.41
N PRO B 367 21.22 -20.51 7.52
CA PRO B 367 20.35 -19.89 6.51
C PRO B 367 19.72 -20.86 5.54
N GLU B 368 20.26 -22.07 5.42
CA GLU B 368 19.69 -23.03 4.47
C GLU B 368 18.36 -23.58 4.96
N ASP B 369 18.01 -23.33 6.22
CA ASP B 369 16.75 -23.84 6.75
C ASP B 369 15.56 -23.03 6.22
N VAL B 370 15.71 -21.72 6.12
CA VAL B 370 14.63 -20.89 5.63
C VAL B 370 14.50 -21.07 4.11
N ASP B 371 13.29 -21.35 3.66
CA ASP B 371 13.10 -21.68 2.24
C ASP B 371 13.16 -20.43 1.36
N VAL B 372 12.52 -19.34 1.78
CA VAL B 372 12.58 -18.09 1.03
C VAL B 372 12.97 -16.96 1.97
N MET B 373 13.98 -16.18 1.58
CA MET B 373 14.54 -15.13 2.40
C MET B 373 14.33 -13.80 1.69
N MET B 374 13.24 -13.11 2.00
CA MET B 374 12.99 -11.82 1.38
C MET B 374 13.73 -10.73 2.12
N GLY B 375 13.83 -9.56 1.51
CA GLY B 375 14.46 -8.44 2.18
C GLY B 375 14.36 -7.18 1.36
N THR B 376 14.66 -6.06 2.02
CA THR B 376 14.54 -4.75 1.42
C THR B 376 15.78 -3.92 1.72
N PHE B 377 16.24 -3.18 0.73
CA PHE B 377 17.42 -2.33 0.88
C PHE B 377 17.08 -0.94 1.41
N THR B 378 15.81 -0.58 1.50
CA THR B 378 15.46 0.79 1.85
C THR B 378 15.79 1.10 3.30
N LYS B 379 15.52 0.16 4.20
CA LYS B 379 15.60 0.46 5.62
C LYS B 379 17.02 0.74 6.07
N SER B 380 17.96 -0.14 5.72
CA SER B 380 19.31 -0.05 6.26
C SER B 380 20.32 0.49 5.26
N PHE B 381 20.39 -0.09 4.07
CA PHE B 381 21.49 0.20 3.16
C PHE B 381 21.35 1.59 2.53
N GLY B 382 20.20 2.21 2.68
CA GLY B 382 20.02 3.56 2.21
C GLY B 382 19.71 3.73 0.75
N ALA B 383 19.13 2.72 0.11
CA ALA B 383 18.71 2.83 -1.28
C ALA B 383 17.47 1.97 -1.49
N SER B 384 16.63 2.36 -2.45
CA SER B 384 15.41 1.61 -2.69
C SER B 384 15.71 0.28 -3.37
N GLY B 385 14.76 -0.64 -3.27
CA GLY B 385 14.88 -1.93 -3.92
C GLY B 385 14.58 -3.09 -3.00
N GLY B 386 14.44 -4.29 -3.56
CA GLY B 386 14.19 -5.46 -2.75
C GLY B 386 14.96 -6.65 -3.29
N TYR B 387 14.91 -7.75 -2.54
CA TYR B 387 15.60 -8.95 -2.98
C TYR B 387 14.94 -10.18 -2.39
N ILE B 388 15.17 -11.32 -3.05
CA ILE B 388 14.76 -12.64 -2.56
C ILE B 388 15.93 -13.59 -2.73
N GLY B 389 16.24 -14.33 -1.67
CA GLY B 389 17.36 -15.25 -1.68
C GLY B 389 16.92 -16.66 -1.32
N GLY B 390 17.65 -17.64 -1.85
CA GLY B 390 17.33 -19.02 -1.58
C GLY B 390 18.19 -19.95 -2.42
N LYS B 391 17.75 -21.20 -2.50
CA LYS B 391 18.48 -22.20 -3.25
C LYS B 391 18.44 -21.86 -4.74
N LYS B 392 19.33 -22.51 -5.50
CA LYS B 392 19.50 -22.14 -6.90
C LYS B 392 18.27 -22.47 -7.74
N GLU B 393 17.64 -23.61 -7.48
CA GLU B 393 16.48 -24.01 -8.27
C GLU B 393 15.33 -23.02 -8.10
N LEU B 394 15.10 -22.57 -6.87
CA LEU B 394 14.04 -21.60 -6.63
C LEU B 394 14.31 -20.32 -7.40
N ILE B 395 15.56 -19.86 -7.42
CA ILE B 395 15.88 -18.61 -8.10
C ILE B 395 15.75 -18.76 -9.60
N ASP B 396 16.12 -19.91 -10.15
CA ASP B 396 15.90 -20.13 -11.58
C ASP B 396 14.40 -20.07 -11.90
N TYR B 397 13.59 -20.74 -11.10
CA TYR B 397 12.15 -20.71 -11.36
C TYR B 397 11.60 -19.30 -11.25
N LEU B 398 12.08 -18.53 -10.27
CA LEU B 398 11.59 -17.15 -10.14
C LEU B 398 12.02 -16.31 -11.31
N ARG B 399 13.27 -16.43 -11.75
CA ARG B 399 13.72 -15.68 -12.92
C ARG B 399 12.87 -15.99 -14.12
N THR B 400 12.36 -17.21 -14.21
CA THR B 400 11.53 -17.56 -15.35
C THR B 400 10.10 -17.06 -15.20
N HIS B 401 9.50 -17.22 -14.02
CA HIS B 401 8.06 -17.08 -13.85
C HIS B 401 7.63 -15.90 -12.98
N SER B 402 8.53 -15.03 -12.54
CA SER B 402 8.10 -13.91 -11.72
C SER B 402 7.41 -12.85 -12.55
N HIS B 403 6.36 -12.25 -11.99
CA HIS B 403 5.66 -11.18 -12.70
C HIS B 403 6.58 -9.98 -12.93
N SER B 404 7.38 -9.63 -11.91
CA SER B 404 8.22 -8.46 -12.01
C SER B 404 9.30 -8.64 -13.07
N ALA B 405 9.85 -9.85 -13.18
CA ALA B 405 10.91 -10.07 -14.16
C ALA B 405 10.40 -9.92 -15.58
N VAL B 406 9.10 -10.15 -15.79
CA VAL B 406 8.57 -10.15 -17.15
C VAL B 406 8.00 -8.79 -17.51
N TYR B 407 7.21 -8.19 -16.61
CA TYR B 407 6.43 -7.00 -16.97
C TYR B 407 6.88 -5.71 -16.30
N ALA B 408 8.02 -5.70 -15.61
CA ALA B 408 8.42 -4.52 -14.85
C ALA B 408 9.84 -4.11 -15.21
N THR B 409 10.10 -2.81 -15.08
CA THR B 409 11.41 -2.27 -15.41
C THR B 409 12.44 -2.67 -14.37
N SER B 410 13.69 -2.82 -14.80
CA SER B 410 14.77 -3.23 -13.92
C SER B 410 15.06 -2.15 -12.88
N LEU B 411 16.07 -2.41 -12.07
CA LEU B 411 16.49 -1.46 -11.05
C LEU B 411 17.48 -0.46 -11.62
N SER B 412 17.46 0.76 -11.09
CA SER B 412 18.28 1.83 -11.64
C SER B 412 19.77 1.57 -11.38
N PRO B 413 20.65 2.01 -12.26
CA PRO B 413 22.09 1.72 -12.10
C PRO B 413 22.73 2.45 -10.94
N PRO B 414 22.52 3.76 -10.76
CA PRO B 414 23.15 4.40 -9.59
C PRO B 414 22.69 3.80 -8.28
N VAL B 415 21.43 3.39 -8.21
CA VAL B 415 20.93 2.77 -6.98
C VAL B 415 21.66 1.45 -6.72
N VAL B 416 21.84 0.63 -7.75
CA VAL B 416 22.51 -0.64 -7.50
C VAL B 416 23.96 -0.42 -7.13
N GLU B 417 24.59 0.62 -7.68
CA GLU B 417 25.96 0.89 -7.25
C GLU B 417 26.02 1.34 -5.80
N GLN B 418 25.05 2.15 -5.37
CA GLN B 418 25.03 2.53 -3.96
C GLN B 418 24.84 1.32 -3.07
N ILE B 419 23.97 0.40 -3.47
CA ILE B 419 23.76 -0.82 -2.69
C ILE B 419 25.03 -1.65 -2.65
N ILE B 420 25.73 -1.78 -3.78
CA ILE B 420 26.96 -2.57 -3.82
C ILE B 420 27.99 -1.97 -2.88
N THR B 421 28.16 -0.64 -2.91
CA THR B 421 29.17 -0.02 -2.07
C THR B 421 28.81 -0.15 -0.59
N SER B 422 27.54 0.03 -0.23
CA SER B 422 27.15 -0.12 1.16
C SER B 422 27.36 -1.56 1.65
N MET B 423 26.99 -2.54 0.82
CA MET B 423 27.16 -3.92 1.21
C MET B 423 28.63 -4.27 1.36
N LYS B 424 29.47 -3.78 0.44
CA LYS B 424 30.90 -4.03 0.56
C LYS B 424 31.47 -3.39 1.82
N CYS B 425 30.90 -2.25 2.23
CA CYS B 425 31.34 -1.62 3.47
C CYS B 425 30.97 -2.46 4.67
N ILE B 426 29.75 -3.00 4.69
CA ILE B 426 29.32 -3.80 5.83
C ILE B 426 30.13 -5.10 5.92
N MET B 427 30.38 -5.74 4.77
CA MET B 427 31.05 -7.02 4.75
C MET B 427 32.52 -6.96 5.13
N GLY B 428 33.03 -5.78 5.48
CA GLY B 428 34.42 -5.68 5.86
C GLY B 428 35.40 -5.68 4.71
N GLN B 429 34.93 -5.51 3.47
CA GLN B 429 35.82 -5.56 2.32
C GLN B 429 36.33 -4.19 1.90
N ASP B 430 35.85 -3.11 2.53
CA ASP B 430 36.28 -1.77 2.12
C ASP B 430 37.74 -1.52 2.50
N GLY B 431 38.23 -2.23 3.52
CA GLY B 431 39.55 -1.98 4.04
C GLY B 431 39.59 -1.14 5.29
N THR B 432 38.43 -0.75 5.82
CA THR B 432 38.34 0.14 6.96
C THR B 432 37.44 -0.51 7.99
N SER B 433 37.51 -0.02 9.23
CA SER B 433 36.70 -0.47 10.34
C SER B 433 35.39 0.30 10.46
N LEU B 434 34.87 0.85 9.37
CA LEU B 434 33.66 1.67 9.46
C LEU B 434 32.42 0.80 9.39
N GLY B 435 32.54 -0.45 8.94
CA GLY B 435 31.38 -1.32 8.87
C GLY B 435 31.11 -2.05 10.17
N LYS B 436 32.04 -1.93 11.12
CA LYS B 436 31.90 -2.60 12.40
C LYS B 436 31.41 -1.64 13.47
N GLU B 437 32.00 -0.44 13.50
CA GLU B 437 31.59 0.58 14.46
C GLU B 437 30.11 0.91 14.30
N CYS B 438 29.59 0.81 13.09
CA CYS B 438 28.17 1.08 12.89
C CYS B 438 27.30 0.13 13.71
N VAL B 439 27.58 -1.18 13.61
CA VAL B 439 26.76 -2.15 14.31
C VAL B 439 26.95 -2.03 15.82
N GLN B 440 28.20 -1.85 16.27
CA GLN B 440 28.41 -1.72 17.70
C GLN B 440 27.69 -0.50 18.26
N GLN B 441 27.80 0.64 17.58
CA GLN B 441 27.15 1.86 18.05
C GLN B 441 25.64 1.72 18.04
N LEU B 442 25.09 1.04 17.04
CA LEU B 442 23.65 0.85 17.02
C LEU B 442 23.19 0.01 18.20
N ALA B 443 23.92 -1.05 18.52
CA ALA B 443 23.53 -1.87 19.66
C ALA B 443 23.56 -1.07 20.95
N GLU B 444 24.63 -0.32 21.18
CA GLU B 444 24.73 0.46 22.41
C GLU B 444 23.65 1.53 22.48
N ASN B 445 23.35 2.17 21.35
CA ASN B 445 22.32 3.20 21.33
C ASN B 445 20.97 2.62 21.70
N THR B 446 20.62 1.47 21.13
CA THR B 446 19.33 0.87 21.44
C THR B 446 19.25 0.50 22.92
N ARG B 447 20.33 -0.08 23.45
CA ARG B 447 20.33 -0.45 24.87
C ARG B 447 20.07 0.77 25.74
N TYR B 448 20.85 1.84 25.54
CA TYR B 448 20.74 3.02 26.38
C TYR B 448 19.36 3.65 26.27
N PHE B 449 18.86 3.80 25.05
CA PHE B 449 17.59 4.48 24.85
C PHE B 449 16.44 3.71 25.49
N ARG B 450 16.38 2.40 25.24
CA ARG B 450 15.29 1.61 25.81
C ARG B 450 15.33 1.62 27.33
N ARG B 451 16.53 1.46 27.91
CA ARG B 451 16.62 1.43 29.37
C ARG B 451 16.18 2.76 29.96
N ARG B 452 16.61 3.88 29.35
CA ARG B 452 16.25 5.17 29.90
C ARG B 452 14.75 5.43 29.79
N LEU B 453 14.13 5.06 28.68
CA LEU B 453 12.69 5.23 28.58
C LEU B 453 11.98 4.39 29.62
N LYS B 454 12.45 3.18 29.88
CA LYS B 454 11.78 2.34 30.87
C LYS B 454 11.97 2.88 32.28
N GLU B 455 13.12 3.51 32.56
CA GLU B 455 13.33 4.06 33.89
C GLU B 455 12.41 5.23 34.19
N MET B 456 12.03 6.00 33.18
CA MET B 456 11.23 7.20 33.41
C MET B 456 9.76 6.87 33.63
N GLY B 457 9.26 5.77 33.09
CA GLY B 457 7.94 5.30 33.42
C GLY B 457 6.96 5.14 32.28
N PHE B 458 7.40 5.22 31.04
CA PHE B 458 6.47 5.06 29.93
C PHE B 458 6.12 3.59 29.75
N ILE B 459 5.24 3.32 28.79
CA ILE B 459 4.99 1.95 28.34
C ILE B 459 5.69 1.73 27.01
N ILE B 460 6.62 0.77 26.98
CA ILE B 460 7.43 0.48 25.80
C ILE B 460 7.18 -0.97 25.41
N TYR B 461 6.90 -1.20 24.13
CA TYR B 461 6.68 -2.54 23.62
C TYR B 461 7.97 -3.15 23.09
N GLY B 462 7.87 -4.41 22.68
CA GLY B 462 8.88 -5.04 21.86
C GLY B 462 9.97 -5.73 22.67
N ASN B 463 10.84 -6.39 21.91
CA ASN B 463 12.00 -7.07 22.47
C ASN B 463 12.99 -6.03 23.01
N GLU B 464 13.83 -6.45 23.93
CA GLU B 464 14.78 -5.52 24.52
C GLU B 464 15.92 -5.21 23.56
N ASP B 465 16.03 -5.95 22.47
CA ASP B 465 17.06 -5.68 21.47
C ASP B 465 16.55 -4.96 20.24
N SER B 466 15.25 -4.83 20.08
CA SER B 466 14.69 -4.28 18.85
C SER B 466 15.03 -2.80 18.73
N PRO B 467 15.61 -2.36 17.61
CA PRO B 467 15.91 -0.93 17.47
C PRO B 467 14.67 -0.05 17.38
N VAL B 468 13.62 -0.52 16.72
CA VAL B 468 12.38 0.27 16.64
C VAL B 468 11.69 0.24 18.00
N VAL B 469 11.36 1.43 18.51
CA VAL B 469 10.84 1.59 19.86
C VAL B 469 9.46 2.22 19.76
N PRO B 470 8.39 1.47 19.99
CA PRO B 470 7.06 2.11 20.04
C PRO B 470 6.68 2.54 21.45
N LEU B 471 6.28 3.80 21.58
CA LEU B 471 5.79 4.35 22.84
C LEU B 471 4.29 4.51 22.75
N MET B 472 3.60 4.33 23.88
CA MET B 472 2.14 4.24 23.88
C MET B 472 1.51 5.57 24.30
N LEU B 473 0.50 6.00 23.54
CA LEU B 473 -0.21 7.23 23.85
C LEU B 473 -1.63 6.93 24.34
N TYR B 474 -2.33 6.05 23.63
CA TYR B 474 -3.61 5.46 24.03
C TYR B 474 -4.80 6.38 23.84
N MET B 475 -4.59 7.64 23.47
CA MET B 475 -5.79 8.44 23.34
C MET B 475 -5.79 9.22 22.04
N PRO B 476 -6.97 9.52 21.48
CA PRO B 476 -7.00 10.14 20.15
C PRO B 476 -6.41 11.54 20.11
N ALA B 477 -6.83 12.43 21.02
CA ALA B 477 -6.29 13.79 20.99
C ALA B 477 -4.82 13.83 21.37
N LYS B 478 -4.39 12.92 22.23
CA LYS B 478 -3.01 12.92 22.66
C LYS B 478 -2.05 12.64 21.52
N ILE B 479 -2.53 11.99 20.45
CA ILE B 479 -1.69 11.79 19.27
C ILE B 479 -1.24 13.12 18.70
N GLY B 480 -2.20 13.95 18.29
CA GLY B 480 -1.85 15.25 17.75
C GLY B 480 -1.13 16.12 18.76
N ALA B 481 -1.54 16.04 20.03
CA ALA B 481 -0.86 16.84 21.04
C ALA B 481 0.61 16.48 21.14
N PHE B 482 0.92 15.17 21.16
CA PHE B 482 2.31 14.74 21.26
C PHE B 482 3.11 15.16 20.04
N GLY B 483 2.54 14.98 18.84
CA GLY B 483 3.27 15.38 17.65
C GLY B 483 3.60 16.86 17.63
N ARG B 484 2.60 17.70 17.90
CA ARG B 484 2.81 19.14 17.84
C ARG B 484 3.75 19.60 18.94
N GLU B 485 3.58 19.11 20.17
CA GLU B 485 4.46 19.52 21.25
C GLU B 485 5.89 19.08 20.99
N MET B 486 6.09 17.86 20.46
CA MET B 486 7.45 17.40 20.20
C MET B 486 8.12 18.26 19.15
N LEU B 487 7.46 18.50 18.02
CA LEU B 487 8.10 19.31 16.99
C LEU B 487 8.34 20.73 17.51
N LYS B 488 7.49 21.21 18.41
CA LYS B 488 7.70 22.52 18.99
C LYS B 488 8.99 22.58 19.80
N ARG B 489 9.37 21.47 20.42
CA ARG B 489 10.60 21.41 21.20
C ARG B 489 11.78 20.90 20.39
N ASN B 490 11.67 20.94 19.06
CA ASN B 490 12.77 20.67 18.14
C ASN B 490 13.17 19.20 18.08
N ILE B 491 12.18 18.29 18.14
CA ILE B 491 12.39 16.89 17.84
C ILE B 491 11.24 16.43 16.96
N GLY B 492 11.56 15.74 15.87
CA GLY B 492 10.55 15.23 14.97
C GLY B 492 10.31 13.75 15.20
N VAL B 493 9.03 13.38 15.36
CA VAL B 493 8.66 12.00 15.62
C VAL B 493 7.51 11.62 14.69
N VAL B 494 7.15 10.35 14.73
CA VAL B 494 6.06 9.82 13.91
C VAL B 494 5.05 9.14 14.82
N VAL B 495 3.77 9.38 14.55
CA VAL B 495 2.67 8.81 15.32
C VAL B 495 1.72 8.12 14.36
N VAL B 496 1.02 7.10 14.84
CA VAL B 496 0.18 6.28 13.96
C VAL B 496 -1.18 6.03 14.59
N GLY B 497 -2.14 5.67 13.75
CA GLY B 497 -3.51 5.43 14.16
C GLY B 497 -4.15 4.20 13.51
N PHE B 498 -5.43 4.33 13.10
CA PHE B 498 -6.16 3.16 12.62
C PHE B 498 -5.57 2.48 11.39
N PRO B 499 -5.16 3.18 10.33
CA PRO B 499 -4.65 2.45 9.16
C PRO B 499 -3.43 1.58 9.44
N ALA B 500 -2.90 1.62 10.67
CA ALA B 500 -1.79 0.76 11.03
C ALA B 500 -1.91 0.13 12.42
N THR B 501 -2.85 0.58 13.24
CA THR B 501 -2.93 0.13 14.63
C THR B 501 -4.39 -0.11 15.02
N PRO B 502 -4.62 -0.88 16.09
CA PRO B 502 -5.97 -1.01 16.62
C PRO B 502 -6.45 0.27 17.29
N ILE B 503 -7.62 0.15 17.93
CA ILE B 503 -8.30 1.32 18.49
C ILE B 503 -7.63 1.80 19.78
N ILE B 504 -7.39 0.88 20.72
CA ILE B 504 -6.88 1.29 22.01
C ILE B 504 -5.43 1.75 21.90
N GLU B 505 -4.62 1.00 21.18
CA GLU B 505 -3.18 1.25 21.10
C GLU B 505 -2.89 2.17 19.93
N SER B 506 -2.76 3.46 20.22
CA SER B 506 -2.25 4.44 19.26
C SER B 506 -0.89 4.91 19.73
N ARG B 507 0.12 4.71 18.90
CA ARG B 507 1.50 4.75 19.36
C ARG B 507 2.32 5.74 18.55
N ALA B 508 3.52 5.99 19.05
CA ALA B 508 4.52 6.82 18.40
C ALA B 508 5.78 5.99 18.23
N ARG B 509 6.37 6.03 17.05
CA ARG B 509 7.49 5.15 16.71
C ARG B 509 8.78 5.94 16.69
N PHE B 510 9.81 5.44 17.40
CA PHE B 510 11.16 5.95 17.28
C PHE B 510 12.00 4.92 16.54
N CYS B 511 12.77 5.35 15.56
CA CYS B 511 13.66 4.47 14.83
C CYS B 511 15.09 4.89 15.13
N LEU B 512 15.74 4.16 16.04
CA LEU B 512 17.11 4.47 16.42
C LEU B 512 18.05 4.26 15.25
N SER B 513 19.27 4.76 15.39
CA SER B 513 20.25 4.73 14.31
C SER B 513 21.66 4.78 14.90
N ALA B 514 22.63 4.45 14.06
CA ALA B 514 24.02 4.58 14.47
C ALA B 514 24.51 6.01 14.30
N ALA B 515 23.76 6.84 13.59
CA ALA B 515 24.16 8.22 13.40
C ALA B 515 23.98 9.05 14.66
N HIS B 516 22.99 8.70 15.49
CA HIS B 516 22.73 9.43 16.70
C HIS B 516 23.87 9.27 17.69
N THR B 517 24.47 10.38 18.07
CA THR B 517 25.51 10.35 19.09
C THR B 517 24.86 10.25 20.47
N LYS B 518 25.67 10.37 21.53
CA LYS B 518 25.09 10.33 22.86
C LYS B 518 24.43 11.64 23.22
N GLU B 519 25.01 12.77 22.80
CA GLU B 519 24.45 14.07 23.17
C GLU B 519 23.07 14.25 22.55
N ILE B 520 22.89 13.82 21.31
CA ILE B 520 21.58 13.90 20.69
C ILE B 520 20.56 13.08 21.47
N LEU B 521 20.93 11.88 21.87
CA LEU B 521 20.01 11.05 22.64
C LEU B 521 19.69 11.67 23.99
N ASP B 522 20.69 12.30 24.62
CA ASP B 522 20.46 12.93 25.91
C ASP B 522 19.45 14.06 25.79
N THR B 523 19.64 14.94 24.80
CA THR B 523 18.70 16.05 24.64
C THR B 523 17.32 15.53 24.30
N ALA B 524 17.22 14.56 23.39
CA ALA B 524 15.92 14.04 23.02
C ALA B 524 15.22 13.41 24.21
N LEU B 525 15.97 12.68 25.04
CA LEU B 525 15.37 12.05 26.21
C LEU B 525 14.88 13.08 27.20
N LYS B 526 15.64 14.15 27.41
CA LYS B 526 15.18 15.18 28.32
C LYS B 526 13.89 15.83 27.81
N GLU B 527 13.80 16.09 26.51
CA GLU B 527 12.59 16.70 25.99
C GLU B 527 11.40 15.75 26.06
N ILE B 528 11.64 14.45 25.81
CA ILE B 528 10.56 13.47 25.96
C ILE B 528 10.10 13.41 27.41
N ASP B 529 11.04 13.49 28.35
CA ASP B 529 10.68 13.49 29.76
C ASP B 529 9.80 14.69 30.10
N GLU B 530 10.17 15.87 29.62
CA GLU B 530 9.37 17.06 29.92
C GLU B 530 7.99 16.97 29.29
N VAL B 531 7.90 16.48 28.05
CA VAL B 531 6.59 16.35 27.42
C VAL B 531 5.73 15.32 28.16
N GLY B 532 6.34 14.20 28.56
CA GLY B 532 5.59 13.21 29.31
C GLY B 532 5.08 13.75 30.63
N ASP B 533 5.88 14.58 31.29
CA ASP B 533 5.39 15.28 32.46
C ASP B 533 4.21 16.17 32.10
N LEU B 534 4.29 16.83 30.95
CA LEU B 534 3.25 17.79 30.56
C LEU B 534 1.95 17.10 30.16
N LEU B 535 2.03 16.04 29.37
CA LEU B 535 0.84 15.40 28.82
C LEU B 535 0.35 14.21 29.64
N GLN B 536 1.03 13.88 30.74
CA GLN B 536 0.65 12.75 31.58
C GLN B 536 0.60 11.46 30.77
N LEU B 537 1.76 11.05 30.25
CA LEU B 537 1.86 9.85 29.45
C LEU B 537 2.54 8.69 30.17
N LYS B 538 2.86 8.83 31.45
CA LYS B 538 3.62 7.80 32.16
C LYS B 538 2.66 6.81 32.79
N TYR B 539 2.23 5.82 32.01
CA TYR B 539 1.18 4.90 32.42
C TYR B 539 1.69 3.66 33.14
N SER B 540 3.00 3.38 33.12
CA SER B 540 3.51 2.09 33.55
C SER B 540 3.30 1.91 35.05
N ARG B 541 2.81 0.73 35.44
CA ARG B 541 2.51 0.49 36.85
C ARG B 541 3.70 -0.08 37.59
N HIS B 542 4.58 -0.80 36.89
CA HIS B 542 5.68 -1.44 37.59
C HIS B 542 6.76 -0.45 38.01
N ARG B 543 7.44 0.16 37.05
CA ARG B 543 8.59 1.00 37.33
C ARG B 543 8.32 2.41 36.83
N LEU B 544 8.54 3.37 37.72
CA LEU B 544 8.35 4.78 37.41
C LEU B 544 9.24 5.64 38.27
N ARG C 8 0.08 32.20 40.35
CA ARG C 8 -0.44 31.57 41.56
C ARG C 8 -1.28 30.35 41.20
N ALA C 9 -2.54 30.34 41.66
CA ALA C 9 -3.41 29.23 41.35
C ALA C 9 -3.77 29.20 39.88
N TRP C 10 -3.53 30.30 39.17
CA TRP C 10 -3.92 30.37 37.77
C TRP C 10 -3.17 29.35 36.93
N LYS C 11 -1.87 29.16 37.20
CA LYS C 11 -1.10 28.18 36.45
C LYS C 11 -1.64 26.77 36.66
N GLN C 12 -1.94 26.41 37.92
CA GLN C 12 -2.48 25.09 38.19
C GLN C 12 -3.82 24.89 37.50
N MET C 13 -4.69 25.91 37.55
CA MET C 13 -5.99 25.78 36.90
C MET C 13 -5.85 25.67 35.39
N SER C 14 -4.90 26.40 34.80
CA SER C 14 -4.67 26.32 33.37
C SER C 14 -4.20 24.93 32.98
N TRP C 15 -3.32 24.32 33.79
CA TRP C 15 -2.92 22.96 33.54
C TRP C 15 -4.09 21.99 33.64
N PHE C 16 -4.95 22.19 34.64
CA PHE C 16 -6.08 21.30 34.82
C PHE C 16 -7.04 21.39 33.63
N TYR C 17 -7.27 22.61 33.13
CA TYR C 17 -8.13 22.75 31.95
C TYR C 17 -7.49 22.11 30.73
N TYR C 18 -6.17 22.24 30.59
CA TYR C 18 -5.49 21.54 29.51
C TYR C 18 -5.75 20.04 29.59
N GLN C 19 -5.62 19.47 30.79
CA GLN C 19 -5.85 18.03 30.95
C GLN C 19 -7.28 17.67 30.59
N TYR C 20 -8.24 18.51 30.98
CA TYR C 20 -9.63 18.25 30.66
C TYR C 20 -9.83 18.20 29.15
N LEU C 21 -9.27 19.17 28.42
CA LEU C 21 -9.41 19.17 26.98
C LEU C 21 -8.76 17.93 26.37
N LEU C 22 -7.59 17.55 26.88
CA LEU C 22 -6.89 16.41 26.30
C LEU C 22 -7.67 15.12 26.50
N VAL C 23 -8.25 14.93 27.69
CA VAL C 23 -8.96 13.69 27.99
C VAL C 23 -10.27 13.62 27.22
N THR C 24 -11.05 14.71 27.22
CA THR C 24 -12.37 14.60 26.60
C THR C 24 -12.37 14.90 25.11
N ALA C 25 -11.21 14.89 24.46
CA ALA C 25 -11.06 15.08 23.02
C ALA C 25 -11.51 16.45 22.55
N LEU C 26 -11.72 17.41 23.46
CA LEU C 26 -12.06 18.75 23.02
C LEU C 26 -10.88 19.46 22.39
N TYR C 27 -9.69 18.87 22.48
CA TYR C 27 -8.50 19.51 21.93
C TYR C 27 -8.62 19.68 20.43
N MET C 28 -9.11 18.65 19.73
CA MET C 28 -9.09 18.68 18.27
C MET C 28 -10.18 19.58 17.71
N LEU C 29 -11.25 19.80 18.46
CA LEU C 29 -12.44 20.46 17.92
C LEU C 29 -12.22 21.95 17.71
N GLU C 30 -13.03 22.52 16.82
CA GLU C 30 -13.00 23.94 16.54
C GLU C 30 -13.57 24.71 17.73
N PRO C 31 -13.28 26.01 17.83
CA PRO C 31 -13.67 26.76 19.04
C PRO C 31 -15.16 26.75 19.36
N TRP C 32 -16.05 26.80 18.36
CA TRP C 32 -17.47 26.85 18.68
C TRP C 32 -17.97 25.50 19.18
N GLU C 33 -17.36 24.41 18.71
CA GLU C 33 -17.74 23.09 19.18
C GLU C 33 -17.44 22.94 20.67
N ARG C 34 -16.31 23.47 21.12
CA ARG C 34 -15.99 23.46 22.54
C ARG C 34 -17.04 24.23 23.33
N THR C 35 -17.48 25.37 22.80
CA THR C 35 -18.50 26.15 23.49
C THR C 35 -19.80 25.38 23.63
N VAL C 36 -20.21 24.69 22.56
CA VAL C 36 -21.44 23.91 22.61
C VAL C 36 -21.33 22.82 23.69
N PHE C 37 -20.21 22.07 23.66
CA PHE C 37 -20.05 20.98 24.61
C PHE C 37 -20.03 21.48 26.05
N ASN C 38 -19.29 22.56 26.31
CA ASN C 38 -19.22 23.10 27.67
C ASN C 38 -20.58 23.57 28.13
N SER C 39 -21.34 24.24 27.26
CA SER C 39 -22.66 24.72 27.65
C SER C 39 -23.58 23.57 28.03
N MET C 40 -23.59 22.50 27.22
CA MET C 40 -24.42 21.35 27.58
C MET C 40 -23.98 20.75 28.91
N LEU C 41 -22.67 20.61 29.12
CA LEU C 41 -22.20 19.97 30.35
C LEU C 41 -22.57 20.78 31.58
N VAL C 42 -22.38 22.10 31.54
CA VAL C 42 -22.70 22.91 32.71
C VAL C 42 -24.20 22.95 32.94
N SER C 43 -24.99 22.94 31.87
CA SER C 43 -26.44 22.87 32.05
C SER C 43 -26.85 21.60 32.76
N ILE C 44 -26.27 20.47 32.35
CA ILE C 44 -26.59 19.20 32.99
C ILE C 44 -26.22 19.25 34.47
N VAL C 45 -25.02 19.74 34.79
CA VAL C 45 -24.60 19.80 36.18
C VAL C 45 -25.53 20.69 36.99
N GLY C 46 -25.94 21.82 36.41
CA GLY C 46 -26.82 22.72 37.14
C GLY C 46 -28.15 22.10 37.47
N MET C 47 -28.78 21.46 36.47
CA MET C 47 -30.07 20.82 36.72
C MET C 47 -29.94 19.69 37.74
N ALA C 48 -28.87 18.89 37.62
CA ALA C 48 -28.66 17.82 38.59
C ALA C 48 -28.51 18.36 40.00
N LEU C 49 -27.73 19.42 40.17
CA LEU C 49 -27.54 19.99 41.50
C LEU C 49 -28.84 20.54 42.06
N TYR C 50 -29.61 21.26 41.24
CA TYR C 50 -30.85 21.83 41.76
C TYR C 50 -31.85 20.75 42.14
N THR C 51 -32.01 19.74 41.29
CA THR C 51 -32.96 18.68 41.60
C THR C 51 -32.51 17.87 42.81
N GLY C 52 -31.20 17.71 42.98
CA GLY C 52 -30.71 17.04 44.18
C GLY C 52 -30.96 17.83 45.44
N TYR C 53 -30.69 19.15 45.41
CA TYR C 53 -30.74 19.92 46.64
C TYR C 53 -32.18 20.25 47.06
N VAL C 54 -33.06 20.47 46.09
CA VAL C 54 -34.41 20.92 46.45
C VAL C 54 -35.08 19.90 47.36
N PHE C 55 -34.73 18.63 47.21
CA PHE C 55 -35.37 17.56 47.97
C PHE C 55 -34.79 17.44 49.38
N MET C 56 -33.47 17.53 49.52
CA MET C 56 -32.79 17.35 50.79
C MET C 56 -33.20 18.37 51.83
N ASN D 11 -10.26 -6.35 9.48
CA ASN D 11 -11.44 -5.55 9.76
C ASN D 11 -11.54 -5.26 11.26
N PRO D 12 -10.94 -4.15 11.70
CA PRO D 12 -10.91 -3.85 13.13
C PRO D 12 -12.27 -3.70 13.76
N ASN D 13 -13.27 -3.26 12.98
CA ASN D 13 -14.60 -3.03 13.52
C ASN D 13 -15.15 -4.32 14.14
N THR D 14 -14.75 -5.47 13.61
CA THR D 14 -15.21 -6.75 14.16
C THR D 14 -14.74 -6.94 15.60
N ARG D 15 -13.52 -6.53 15.91
CA ARG D 15 -12.91 -6.82 17.20
C ARG D 15 -13.14 -5.71 18.24
N VAL D 16 -13.78 -4.60 17.87
CA VAL D 16 -13.89 -3.49 18.82
C VAL D 16 -14.71 -3.88 20.03
N MET D 17 -15.74 -4.72 19.85
CA MET D 17 -16.54 -5.17 20.98
C MET D 17 -15.82 -6.22 21.81
N ASN D 18 -14.70 -6.75 21.33
CA ASN D 18 -13.92 -7.73 22.08
C ASN D 18 -12.77 -7.10 22.85
N SER D 19 -12.58 -5.79 22.75
CA SER D 19 -11.42 -5.13 23.32
C SER D 19 -11.54 -5.00 24.83
N ARG D 20 -10.52 -4.42 25.43
CA ARG D 20 -10.47 -4.25 26.87
C ARG D 20 -11.29 -3.04 27.30
N GLY D 21 -12.12 -3.22 28.33
CA GLY D 21 -12.85 -2.14 28.94
C GLY D 21 -14.12 -1.74 28.22
N ILE D 22 -14.47 -2.41 27.12
CA ILE D 22 -15.66 -2.03 26.37
C ILE D 22 -16.92 -2.31 27.18
N TRP D 23 -16.97 -3.46 27.87
CA TRP D 23 -18.17 -3.81 28.64
C TRP D 23 -18.39 -2.82 29.78
N LEU D 24 -17.33 -2.48 30.51
CA LEU D 24 -17.45 -1.53 31.61
C LEU D 24 -17.83 -0.16 31.09
N SER D 25 -17.28 0.23 29.92
CA SER D 25 -17.68 1.50 29.32
C SER D 25 -19.16 1.51 28.98
N TYR D 26 -19.66 0.42 28.42
CA TYR D 26 -21.09 0.32 28.09
C TYR D 26 -21.94 0.44 29.34
N VAL D 27 -21.58 -0.27 30.41
CA VAL D 27 -22.36 -0.21 31.65
C VAL D 27 -22.33 1.19 32.24
N LEU D 28 -21.16 1.83 32.24
CA LEU D 28 -21.06 3.19 32.75
C LEU D 28 -21.88 4.16 31.90
N ALA D 29 -21.92 3.94 30.59
CA ALA D 29 -22.72 4.79 29.73
C ALA D 29 -24.20 4.68 30.07
N ILE D 30 -24.69 3.46 30.29
CA ILE D 30 -26.09 3.29 30.66
C ILE D 30 -26.37 3.95 32.00
N GLY D 31 -25.46 3.78 32.97
CA GLY D 31 -25.66 4.42 34.26
C GLY D 31 -25.70 5.93 34.17
N LEU D 32 -24.78 6.51 33.40
CA LEU D 32 -24.78 7.96 33.21
C LEU D 32 -26.05 8.43 32.52
N LEU D 33 -26.52 7.68 31.53
CA LEU D 33 -27.77 8.05 30.87
C LEU D 33 -28.91 8.07 31.86
N HIS D 34 -29.00 7.05 32.72
CA HIS D 34 -30.07 7.05 33.71
C HIS D 34 -29.94 8.22 34.68
N ILE D 35 -28.72 8.55 35.07
CA ILE D 35 -28.54 9.69 35.98
C ILE D 35 -29.01 10.99 35.33
N VAL D 36 -28.62 11.21 34.07
CA VAL D 36 -29.04 12.43 33.39
C VAL D 36 -30.56 12.47 33.25
N LEU D 37 -31.18 11.33 32.98
CA LEU D 37 -32.64 11.29 32.98
C LEU D 37 -33.20 11.64 34.35
N LEU D 38 -32.55 11.20 35.41
CA LEU D 38 -33.01 11.55 36.75
C LEU D 38 -32.87 13.05 37.02
N SER D 39 -31.94 13.70 36.33
CA SER D 39 -31.66 15.11 36.64
C SER D 39 -32.84 16.02 36.35
N ILE D 40 -33.69 15.64 35.39
CA ILE D 40 -34.82 16.51 35.02
C ILE D 40 -35.76 16.65 36.21
N PRO D 41 -36.20 17.87 36.55
CA PRO D 41 -36.88 18.06 37.84
C PRO D 41 -38.28 17.47 37.90
N PHE D 42 -39.12 17.72 36.89
CA PHE D 42 -40.54 17.42 37.00
C PHE D 42 -40.89 15.96 36.71
N VAL D 43 -39.98 15.19 36.12
CA VAL D 43 -40.33 13.85 35.65
C VAL D 43 -40.35 12.88 36.83
N SER D 44 -41.43 12.10 36.90
CA SER D 44 -41.61 11.17 38.02
C SER D 44 -40.87 9.87 37.75
N VAL D 45 -40.61 9.12 38.84
CA VAL D 45 -39.63 8.04 38.79
C VAL D 45 -39.99 6.94 37.80
N PRO D 46 -41.19 6.35 37.82
CA PRO D 46 -41.48 5.30 36.83
C PRO D 46 -41.32 5.76 35.41
N VAL D 47 -41.69 7.02 35.12
CA VAL D 47 -41.50 7.55 33.78
C VAL D 47 -40.02 7.72 33.48
N VAL D 48 -39.22 8.05 34.50
CA VAL D 48 -37.77 8.10 34.31
C VAL D 48 -37.23 6.74 33.87
N TRP D 49 -37.66 5.68 34.55
CA TRP D 49 -37.19 4.35 34.20
C TRP D 49 -37.65 3.94 32.80
N THR D 50 -38.91 4.25 32.48
CA THR D 50 -39.42 3.93 31.15
C THR D 50 -38.63 4.65 30.07
N LEU D 51 -38.33 5.93 30.28
CA LEU D 51 -37.56 6.68 29.29
C LEU D 51 -36.15 6.12 29.16
N THR D 52 -35.53 5.73 30.28
CA THR D 52 -34.22 5.11 30.22
C THR D 52 -34.26 3.87 29.34
N ASN D 53 -35.23 2.98 29.60
CA ASN D 53 -35.32 1.74 28.84
C ASN D 53 -35.55 2.02 27.35
N LEU D 54 -36.49 2.92 27.04
CA LEU D 54 -36.83 3.18 25.66
C LEU D 54 -35.66 3.79 24.91
N ILE D 55 -34.98 4.75 25.52
CA ILE D 55 -33.86 5.39 24.86
C ILE D 55 -32.71 4.41 24.67
N HIS D 56 -32.43 3.58 25.67
CA HIS D 56 -31.35 2.61 25.53
C HIS D 56 -31.66 1.62 24.40
N ASN D 57 -32.90 1.12 24.34
CA ASN D 57 -33.24 0.18 23.29
C ASN D 57 -33.20 0.83 21.91
N MET D 58 -33.72 2.04 21.78
CA MET D 58 -33.69 2.71 20.49
C MET D 58 -32.26 2.98 20.03
N GLY D 59 -31.40 3.43 20.94
CA GLY D 59 -30.01 3.66 20.57
C GLY D 59 -29.30 2.37 20.17
N MET D 60 -29.52 1.30 20.93
CA MET D 60 -28.90 0.03 20.61
C MET D 60 -29.37 -0.47 19.25
N TYR D 61 -30.67 -0.35 18.98
CA TYR D 61 -31.20 -0.76 17.69
C TYR D 61 -30.57 0.04 16.56
N ILE D 62 -30.50 1.36 16.70
CA ILE D 62 -29.97 2.19 15.62
C ILE D 62 -28.51 1.86 15.37
N PHE D 63 -27.72 1.72 16.43
CA PHE D 63 -26.28 1.57 16.24
C PHE D 63 -25.90 0.13 15.90
N LEU D 64 -26.82 -0.83 16.09
CA LEU D 64 -26.45 -2.20 15.80
C LEU D 64 -27.09 -2.69 14.50
N HIS D 65 -28.39 -2.50 14.32
CA HIS D 65 -29.10 -3.15 13.23
C HIS D 65 -29.51 -2.24 12.09
N THR D 66 -29.35 -0.93 12.22
CA THR D 66 -29.74 -0.01 11.15
C THR D 66 -28.54 0.55 10.39
N VAL D 67 -27.59 1.16 11.09
CA VAL D 67 -26.41 1.69 10.42
C VAL D 67 -25.50 0.54 10.00
N LYS D 68 -25.27 0.41 8.70
CA LYS D 68 -24.48 -0.68 8.16
C LYS D 68 -23.26 -0.12 7.43
N GLY D 69 -22.23 -0.95 7.34
CA GLY D 69 -20.98 -0.54 6.76
C GLY D 69 -19.93 -0.19 7.80
N THR D 70 -18.80 0.30 7.31
CA THR D 70 -17.68 0.64 8.17
C THR D 70 -17.31 2.11 8.02
N PRO D 71 -17.14 2.84 9.12
CA PRO D 71 -16.71 4.24 9.01
C PRO D 71 -15.37 4.39 8.32
N PHE D 72 -14.45 3.47 8.55
CA PHE D 72 -13.15 3.47 7.89
C PHE D 72 -13.22 2.61 6.65
N GLU D 73 -12.40 2.93 5.66
CA GLU D 73 -12.30 2.08 4.48
C GLU D 73 -11.65 0.76 4.84
N THR D 74 -12.07 -0.30 4.15
CA THR D 74 -11.62 -1.65 4.46
C THR D 74 -10.88 -2.26 3.28
N PRO D 75 -9.83 -3.04 3.53
CA PRO D 75 -9.02 -3.57 2.44
C PRO D 75 -9.54 -4.87 1.82
N ASP D 76 -10.64 -5.43 2.33
CA ASP D 76 -11.23 -6.63 1.73
C ASP D 76 -12.27 -6.28 0.67
N GLN D 77 -12.23 -5.05 0.14
CA GLN D 77 -13.09 -4.62 -0.96
C GLN D 77 -14.57 -4.71 -0.60
N GLY D 78 -14.89 -4.36 0.64
CA GLY D 78 -16.29 -4.19 1.00
C GLY D 78 -17.06 -5.47 1.25
N LYS D 79 -16.53 -6.39 2.06
CA LYS D 79 -17.34 -7.52 2.50
C LYS D 79 -18.53 -7.05 3.32
N ALA D 80 -18.31 -6.06 4.18
CA ALA D 80 -19.37 -5.64 5.11
C ALA D 80 -20.19 -4.50 4.54
N ARG D 81 -20.17 -4.32 3.23
CA ARG D 81 -20.95 -3.26 2.58
C ARG D 81 -22.43 -3.38 2.92
N LEU D 82 -22.98 -4.58 2.81
CA LEU D 82 -24.41 -4.80 3.04
C LEU D 82 -24.73 -5.31 4.42
N LEU D 83 -23.76 -5.44 5.31
CA LEU D 83 -23.96 -6.04 6.62
C LEU D 83 -23.94 -4.99 7.71
N THR D 84 -24.87 -5.10 8.66
CA THR D 84 -24.91 -4.23 9.82
C THR D 84 -23.86 -4.68 10.82
N HIS D 85 -23.74 -3.91 11.91
CA HIS D 85 -22.69 -4.20 12.88
C HIS D 85 -22.90 -5.55 13.56
N TRP D 86 -24.15 -5.90 13.87
CA TRP D 86 -24.39 -7.15 14.58
C TRP D 86 -23.94 -8.35 13.75
N GLU D 87 -24.29 -8.36 12.46
CA GLU D 87 -23.83 -9.45 11.60
C GLU D 87 -22.33 -9.37 11.38
N GLN D 88 -21.77 -8.17 11.54
CA GLN D 88 -20.34 -7.98 11.31
C GLN D 88 -19.52 -8.50 12.48
N MET D 89 -20.10 -8.52 13.68
CA MET D 89 -19.36 -8.93 14.87
C MET D 89 -18.85 -10.35 14.74
N ASP D 90 -17.56 -10.53 15.08
CA ASP D 90 -16.94 -11.85 15.20
C ASP D 90 -17.05 -12.66 13.91
N TYR D 91 -17.14 -11.96 12.77
CA TYR D 91 -17.14 -12.59 11.45
C TYR D 91 -18.26 -13.63 11.34
N GLY D 92 -19.42 -13.29 11.88
CA GLY D 92 -20.59 -14.13 11.73
C GLY D 92 -20.73 -15.28 12.70
N VAL D 93 -19.77 -15.45 13.63
CA VAL D 93 -19.90 -16.50 14.63
C VAL D 93 -21.12 -16.21 15.48
N GLN D 94 -22.02 -17.19 15.58
CA GLN D 94 -23.34 -16.92 16.16
C GLN D 94 -23.26 -16.64 17.65
N PHE D 95 -22.56 -17.47 18.40
CA PHE D 95 -22.51 -17.33 19.86
C PHE D 95 -21.10 -17.07 20.31
N THR D 96 -20.91 -16.02 21.11
CA THR D 96 -19.62 -15.66 21.68
C THR D 96 -19.91 -14.91 22.97
N ALA D 97 -18.85 -14.59 23.72
CA ALA D 97 -19.04 -13.88 24.98
C ALA D 97 -19.69 -12.52 24.76
N SER D 98 -19.20 -11.76 23.78
CA SER D 98 -19.74 -10.43 23.52
C SER D 98 -21.19 -10.49 23.09
N ARG D 99 -21.53 -11.43 22.19
CA ARG D 99 -22.90 -11.54 21.72
C ARG D 99 -23.84 -12.01 22.83
N LYS D 100 -23.37 -12.94 23.66
CA LYS D 100 -24.18 -13.37 24.79
C LYS D 100 -24.43 -12.21 25.76
N PHE D 101 -23.40 -11.40 26.02
CA PHE D 101 -23.58 -10.26 26.93
C PHE D 101 -24.54 -9.23 26.34
N LEU D 102 -24.40 -8.94 25.05
CA LEU D 102 -25.27 -7.97 24.40
C LEU D 102 -26.72 -8.43 24.39
N THR D 103 -26.94 -9.74 24.21
CA THR D 103 -28.31 -10.24 24.26
C THR D 103 -28.83 -10.27 25.68
N ILE D 104 -27.95 -10.50 26.66
CA ILE D 104 -28.41 -10.61 28.05
C ILE D 104 -28.82 -9.25 28.60
N THR D 105 -28.01 -8.22 28.37
CA THR D 105 -28.19 -6.98 29.13
C THR D 105 -29.56 -6.32 28.99
N PRO D 106 -30.20 -6.25 27.81
CA PRO D 106 -31.50 -5.55 27.77
C PRO D 106 -32.57 -6.28 28.56
N ILE D 107 -32.45 -7.60 28.70
CA ILE D 107 -33.41 -8.34 29.51
C ILE D 107 -33.29 -7.93 30.97
N VAL D 108 -32.06 -7.79 31.47
CA VAL D 108 -31.83 -7.33 32.83
C VAL D 108 -32.38 -5.91 33.00
N LEU D 109 -32.13 -5.05 32.02
CA LEU D 109 -32.62 -3.68 32.10
C LEU D 109 -34.15 -3.65 32.16
N TYR D 110 -34.80 -4.49 31.35
CA TYR D 110 -36.27 -4.51 31.37
C TYR D 110 -36.80 -5.04 32.70
N PHE D 111 -36.15 -6.08 33.25
CA PHE D 111 -36.58 -6.56 34.56
C PHE D 111 -36.48 -5.46 35.61
N LEU D 112 -35.36 -4.75 35.63
CA LEU D 112 -35.19 -3.69 36.61
C LEU D 112 -36.23 -2.59 36.40
N THR D 113 -36.46 -2.21 35.14
CA THR D 113 -37.42 -1.16 34.85
C THR D 113 -38.82 -1.54 35.28
N SER D 114 -39.22 -2.79 35.03
CA SER D 114 -40.56 -3.21 35.45
C SER D 114 -40.63 -3.34 36.97
N PHE D 115 -39.48 -3.56 37.62
CA PHE D 115 -39.47 -3.55 39.08
C PHE D 115 -39.74 -2.16 39.63
N TYR D 116 -39.08 -1.14 39.07
CA TYR D 116 -39.19 0.19 39.66
C TYR D 116 -40.39 0.95 39.10
N THR D 117 -41.17 0.31 38.23
CA THR D 117 -42.40 0.92 37.73
C THR D 117 -43.67 0.27 38.28
N LYS D 118 -43.56 -0.49 39.36
CA LYS D 118 -44.71 -0.96 40.14
C LYS D 118 -45.66 -1.84 39.36
N TYR D 119 -45.24 -2.36 38.21
CA TYR D 119 -46.01 -3.33 37.42
C TYR D 119 -47.38 -2.77 36.99
N ASP D 120 -47.36 -1.62 36.32
CA ASP D 120 -48.57 -1.11 35.69
C ASP D 120 -48.65 -1.55 34.24
N GLN D 121 -49.86 -1.56 33.68
CA GLN D 121 -50.05 -2.06 32.32
C GLN D 121 -49.52 -1.07 31.29
N ILE D 122 -49.77 0.22 31.50
CA ILE D 122 -49.46 1.21 30.48
C ILE D 122 -47.96 1.28 30.23
N HIS D 123 -47.17 1.13 31.29
CA HIS D 123 -45.73 1.06 31.11
C HIS D 123 -45.31 -0.31 30.56
N PHE D 124 -46.04 -1.36 30.95
CA PHE D 124 -45.66 -2.71 30.57
C PHE D 124 -45.76 -2.91 29.07
N VAL D 125 -46.83 -2.40 28.46
CA VAL D 125 -47.00 -2.62 27.02
C VAL D 125 -45.89 -1.96 26.23
N LEU D 126 -45.57 -0.70 26.56
CA LEU D 126 -44.50 0.00 25.87
C LEU D 126 -43.17 -0.70 26.08
N ASN D 127 -42.88 -1.09 27.33
CA ASN D 127 -41.60 -1.72 27.64
C ASN D 127 -41.46 -3.07 26.94
N THR D 128 -42.52 -3.85 26.91
CA THR D 128 -42.48 -5.14 26.23
C THR D 128 -42.26 -4.95 24.74
N VAL D 129 -42.93 -3.96 24.14
CA VAL D 129 -42.74 -3.69 22.71
C VAL D 129 -41.29 -3.32 22.43
N SER D 130 -40.71 -2.47 23.28
CA SER D 130 -39.32 -2.07 23.09
C SER D 130 -38.37 -3.25 23.22
N LEU D 131 -38.58 -4.09 24.25
CA LEU D 131 -37.71 -5.25 24.44
C LEU D 131 -37.82 -6.21 23.27
N MET D 132 -39.04 -6.45 22.79
CA MET D 132 -39.21 -7.32 21.63
C MET D 132 -38.52 -6.74 20.40
N SER D 133 -38.63 -5.43 20.20
CA SER D 133 -37.99 -4.81 19.05
C SER D 133 -36.49 -5.00 19.10
N VAL D 134 -35.89 -4.84 20.27
CA VAL D 134 -34.44 -4.97 20.35
C VAL D 134 -34.03 -6.43 20.33
N LEU D 135 -34.94 -7.34 20.72
CA LEU D 135 -34.54 -8.73 20.90
C LEU D 135 -34.67 -9.55 19.62
N ILE D 136 -35.71 -9.28 18.83
CA ILE D 136 -35.97 -10.11 17.64
C ILE D 136 -34.78 -10.14 16.69
N PRO D 137 -34.11 -9.03 16.38
CA PRO D 137 -32.96 -9.12 15.46
C PRO D 137 -31.81 -9.95 15.99
N LYS D 138 -31.77 -10.23 17.30
CA LYS D 138 -30.62 -10.96 17.85
C LYS D 138 -30.67 -12.44 17.52
N LEU D 139 -31.81 -12.96 17.09
CA LEU D 139 -31.93 -14.39 16.88
C LEU D 139 -30.98 -14.86 15.79
N PRO D 140 -30.28 -15.99 15.98
CA PRO D 140 -29.43 -16.52 14.90
C PRO D 140 -30.22 -16.87 13.65
N GLN D 141 -31.48 -17.28 13.82
CA GLN D 141 -32.32 -17.58 12.65
C GLN D 141 -32.52 -16.33 11.80
N LEU D 142 -32.69 -15.17 12.43
CA LEU D 142 -32.87 -13.91 11.72
C LEU D 142 -31.51 -13.28 11.49
N HIS D 143 -30.78 -13.80 10.49
CA HIS D 143 -29.50 -13.24 10.10
C HIS D 143 -29.50 -12.98 8.61
N GLY D 144 -29.16 -11.76 8.22
CA GLY D 144 -29.10 -11.42 6.81
C GLY D 144 -30.44 -11.32 6.13
N VAL D 145 -31.51 -11.06 6.88
CA VAL D 145 -32.85 -10.93 6.33
C VAL D 145 -33.39 -9.56 6.72
N ARG D 146 -34.12 -8.93 5.80
CA ARG D 146 -34.77 -7.65 6.05
C ARG D 146 -36.27 -7.82 5.83
N ILE D 147 -37.07 -7.38 6.80
CA ILE D 147 -38.51 -7.51 6.69
C ILE D 147 -39.03 -6.57 5.61
N PHE D 148 -39.86 -7.10 4.72
CA PHE D 148 -40.45 -6.35 3.60
C PHE D 148 -39.38 -5.68 2.74
N GLY D 149 -38.15 -6.17 2.81
CA GLY D 149 -37.07 -5.63 1.99
C GLY D 149 -36.73 -4.19 2.28
N ILE D 150 -36.82 -3.76 3.54
CA ILE D 150 -36.48 -2.41 3.96
C ILE D 150 -35.04 -2.42 4.43
N ASN D 151 -34.29 -1.38 4.09
CA ASN D 151 -32.89 -1.18 4.43
C ASN D 151 -32.06 -2.29 3.81
N LYS D 152 -32.58 -2.98 2.79
CA LYS D 152 -31.83 -4.05 2.15
C LYS D 152 -30.59 -3.51 1.46
N TYR D 153 -30.73 -2.38 0.79
CA TYR D 153 -29.60 -1.71 0.16
C TYR D 153 -29.36 -0.34 0.78
#